data_2XQ0
#
_entry.id   2XQ0
#
_cell.length_a   58.641
_cell.length_b   99.874
_cell.length_c   112.651
_cell.angle_alpha   90.00
_cell.angle_beta   90.00
_cell.angle_gamma   90.00
#
_symmetry.space_group_name_H-M   'P 21 21 21'
#
loop_
_entity.id
_entity.type
_entity.pdbx_description
1 polymer 'LEUKOTRIENE A-4 HYDROLASE'
2 non-polymer '2-(3-AMINO-2-HYDROXY-4-PHENYL-BUTYRYLAMINO)-4-METHYL-PENTANOIC ACID'
3 non-polymer 'ZINC ION'
4 non-polymer 'CHLORIDE ION'
5 water water
#
_entity_poly.entity_id   1
_entity_poly.type   'polypeptide(L)'
_entity_poly.pdbx_seq_one_letter_code
;MLPLSIEQRRPSRSPEYDQSTLSNYKDFAVLHTDLNLSVSFEKSAISGSVTFQLKKLHEGKNKSDELHLDTSYLDVQEVH
IDGSKADFQIEQRKEPLGSRLVINNASCNDNFTLNIQFRTTDKCTALQWLNSKQTKGGKPYVFSQLEAIHARSLFPCFDT
PSVKSTFTASIESPLPVVFSGIRIEDTSKDTNIYRFEQKVPIPAYLIGIASGDLSSAPIGPRSTVYTEPFRLKDCQWEFE
NDVEKFIQTAEKIIFEYEWGTYDILVNVDSYPYGGMESPNMTFATPTLLAHDRSNIDVIAHELAHSWSGNLVTNCSWNHF
WLNEGWTVYLERRIIGAIHGEPTRHFSALIGWSDLQNSIDSMKDPERFSTLVQNLNDNTDPDDAFSTVPYEKGFNLLFHL
ETILGGKAEFDPFIRHYFKKFAKKSLDTFQFLDTLYEFYPEKKEILDSVDWETWLYKPGMPPRPHFITALADNVYQLADK
WVEMAQHLKTTEDFRSEFNAIDIKDFNSNQLVLFLETLTQNGHSNKKPKDFDWAKFPVASRALLDIYQDNIVKSQNAEVV
FKMFKFQIFAKLQEEYKHLADWLGTVGRMKFVRPGYRLLNSVDRRLALATFDKFKDTYHPICKALVKQDLKL
;
_entity_poly.pdbx_strand_id   A
#
loop_
_chem_comp.id
_chem_comp.type
_chem_comp.name
_chem_comp.formula
BES non-polymer '2-(3-AMINO-2-HYDROXY-4-PHENYL-BUTYRYLAMINO)-4-METHYL-PENTANOIC ACID' 'C16 H24 N2 O4'
CL non-polymer 'CHLORIDE ION' 'Cl -1'
ZN non-polymer 'ZINC ION' 'Zn 2'
#
# COMPACT_ATOMS: atom_id res chain seq x y z
N MET A 1 -27.03 -17.21 7.65
CA MET A 1 -28.25 -16.54 8.09
C MET A 1 -28.43 -15.22 7.36
N LEU A 2 -27.59 -14.98 6.36
CA LEU A 2 -27.59 -13.71 5.63
C LEU A 2 -28.71 -13.58 4.57
N PRO A 3 -28.93 -12.35 4.09
CA PRO A 3 -29.99 -12.03 3.12
C PRO A 3 -29.87 -12.74 1.76
N LEU A 4 -30.97 -12.72 1.01
CA LEU A 4 -31.14 -13.45 -0.25
C LEU A 4 -30.19 -13.08 -1.41
N SER A 5 -30.14 -11.81 -1.80
CA SER A 5 -29.29 -11.43 -2.93
C SER A 5 -27.81 -11.75 -2.70
N ILE A 6 -27.37 -11.66 -1.46
CA ILE A 6 -26.06 -12.17 -1.06
C ILE A 6 -25.98 -13.68 -1.29
N GLU A 7 -26.86 -14.41 -0.59
CA GLU A 7 -27.05 -15.85 -0.82
C GLU A 7 -26.96 -16.13 -2.31
N GLN A 8 -27.61 -15.30 -3.12
CA GLN A 8 -27.67 -15.49 -4.58
C GLN A 8 -26.33 -15.33 -5.32
N ARG A 9 -25.48 -14.44 -4.83
CA ARG A 9 -24.20 -14.14 -5.50
C ARG A 9 -23.09 -15.07 -5.05
N ARG A 10 -23.31 -15.72 -3.92
CA ARG A 10 -22.29 -16.55 -3.31
C ARG A 10 -22.04 -17.81 -4.12
N PRO A 11 -20.78 -18.22 -4.25
CA PRO A 11 -20.50 -19.47 -4.96
C PRO A 11 -20.92 -20.68 -4.11
N SER A 12 -21.07 -21.83 -4.77
CA SER A 12 -21.53 -23.03 -4.08
C SER A 12 -20.48 -23.47 -3.06
N ARG A 13 -19.25 -23.07 -3.29
CA ARG A 13 -18.16 -23.38 -2.37
C ARG A 13 -17.23 -22.19 -2.12
N SER A 14 -16.88 -21.96 -0.86
CA SER A 14 -16.00 -20.87 -0.46
C SER A 14 -14.67 -21.45 0.05
N PRO A 15 -13.56 -20.70 -0.06
CA PRO A 15 -13.39 -19.36 -0.63
C PRO A 15 -13.56 -19.36 -2.15
N GLU A 16 -14.09 -18.25 -2.66
CA GLU A 16 -14.34 -18.06 -4.07
C GLU A 16 -13.05 -18.23 -4.87
N TYR A 17 -13.18 -18.86 -6.03
CA TYR A 17 -12.02 -19.12 -6.88
C TYR A 17 -11.30 -17.85 -7.33
N ASP A 18 -9.97 -17.86 -7.25
CA ASP A 18 -9.14 -16.74 -7.69
C ASP A 18 -8.83 -16.81 -9.19
N GLN A 19 -9.46 -15.94 -9.97
CA GLN A 19 -9.32 -15.94 -11.44
C GLN A 19 -8.01 -15.33 -11.95
N SER A 20 -7.18 -14.80 -11.05
CA SER A 20 -5.94 -14.13 -11.45
C SER A 20 -4.73 -15.06 -11.41
N THR A 21 -4.94 -16.34 -11.11
CA THR A 21 -3.81 -17.30 -11.14
C THR A 21 -4.02 -18.32 -12.26
N LEU A 22 -2.91 -18.76 -12.85
CA LEU A 22 -2.95 -19.81 -13.86
C LEU A 22 -2.65 -21.16 -13.21
N SER A 23 -2.41 -21.14 -11.91
CA SER A 23 -1.99 -22.35 -11.19
C SER A 23 -3.19 -23.23 -10.86
N ASN A 24 -2.95 -24.50 -10.58
CA ASN A 24 -4.08 -25.34 -10.16
C ASN A 24 -4.03 -25.58 -8.67
N TYR A 25 -4.13 -24.47 -7.94
CA TYR A 25 -3.87 -24.47 -6.51
C TYR A 25 -4.92 -25.24 -5.70
N LYS A 26 -6.14 -25.34 -6.21
CA LYS A 26 -7.16 -26.09 -5.47
C LYS A 26 -6.80 -27.58 -5.39
N ASP A 27 -5.82 -28.01 -6.18
CA ASP A 27 -5.51 -29.44 -6.31
C ASP A 27 -4.40 -29.89 -5.38
N PHE A 28 -3.78 -28.95 -4.68
CA PHE A 28 -2.63 -29.25 -3.85
C PHE A 28 -2.68 -28.46 -2.56
N ALA A 29 -2.02 -28.98 -1.53
CA ALA A 29 -1.78 -28.23 -0.31
C ALA A 29 -0.29 -27.89 -0.28
N VAL A 30 0.04 -26.63 0.00
CA VAL A 30 1.43 -26.25 0.11
C VAL A 30 1.82 -26.25 1.58
N LEU A 31 2.59 -27.25 1.98
CA LEU A 31 2.95 -27.46 3.37
C LEU A 31 4.17 -26.64 3.79
N HIS A 32 5.04 -26.33 2.84
CA HIS A 32 6.25 -25.55 3.14
C HIS A 32 6.92 -25.11 1.85
N THR A 33 7.54 -23.93 1.89
CA THR A 33 8.27 -23.36 0.75
C THR A 33 9.67 -22.92 1.15
N ASP A 34 10.68 -23.40 0.46
CA ASP A 34 12.04 -22.98 0.77
C ASP A 34 12.63 -22.28 -0.43
N LEU A 35 13.20 -21.09 -0.19
CA LEU A 35 13.85 -20.31 -1.23
C LEU A 35 15.36 -20.38 -1.03
N ASN A 36 16.08 -20.80 -2.06
CA ASN A 36 17.53 -20.88 -1.98
C ASN A 36 18.09 -20.03 -3.10
N LEU A 37 18.47 -18.80 -2.77
CA LEU A 37 18.70 -17.78 -3.78
C LEU A 37 20.08 -17.14 -3.71
N SER A 38 20.47 -16.58 -4.83
CA SER A 38 21.71 -15.82 -4.93
C SER A 38 21.42 -14.51 -5.67
N VAL A 39 21.89 -13.41 -5.11
CA VAL A 39 21.70 -12.09 -5.69
C VAL A 39 22.94 -11.65 -6.44
N SER A 40 22.77 -11.34 -7.73
CA SER A 40 23.89 -10.88 -8.55
C SER A 40 23.61 -9.48 -9.04
N PHE A 41 24.30 -8.51 -8.44
CA PHE A 41 24.23 -7.10 -8.85
C PHE A 41 24.88 -6.94 -10.22
N GLU A 42 25.89 -7.74 -10.47
CA GLU A 42 26.57 -7.76 -11.77
C GLU A 42 25.58 -8.01 -12.90
N LYS A 43 24.72 -9.01 -12.73
CA LYS A 43 23.81 -9.39 -13.79
C LYS A 43 22.42 -8.81 -13.60
N SER A 44 22.22 -8.17 -12.44
CA SER A 44 20.87 -7.77 -12.00
C SER A 44 19.89 -8.94 -12.13
N ALA A 45 20.24 -10.05 -11.52
CA ALA A 45 19.37 -11.22 -11.47
C ALA A 45 19.43 -11.91 -10.12
N ILE A 46 18.32 -12.51 -9.74
CA ILE A 46 18.29 -13.44 -8.63
C ILE A 46 18.07 -14.83 -9.21
N SER A 47 18.87 -15.80 -8.76
CA SER A 47 18.83 -17.12 -9.34
C SER A 47 18.87 -18.11 -8.20
N GLY A 48 18.57 -19.37 -8.47
CA GLY A 48 18.65 -20.39 -7.46
C GLY A 48 17.50 -21.32 -7.64
N SER A 49 16.92 -21.76 -6.54
CA SER A 49 15.85 -22.72 -6.65
C SER A 49 14.82 -22.54 -5.56
N VAL A 50 13.59 -22.96 -5.84
CA VAL A 50 12.54 -22.99 -4.85
C VAL A 50 12.12 -24.41 -4.65
N THR A 51 11.95 -24.79 -3.39
CA THR A 51 11.51 -26.15 -3.08
C THR A 51 10.19 -26.08 -2.31
N PHE A 52 9.18 -26.78 -2.82
CA PHE A 52 7.89 -26.89 -2.16
C PHE A 52 7.71 -28.30 -1.62
N GLN A 53 7.19 -28.40 -0.40
CA GLN A 53 6.67 -29.65 0.08
C GLN A 53 5.18 -29.56 -0.20
N LEU A 54 4.67 -30.48 -1.01
CA LEU A 54 3.28 -30.42 -1.46
C LEU A 54 2.49 -31.68 -1.10
N LYS A 55 1.17 -31.54 -1.08
CA LYS A 55 0.28 -32.68 -0.92
C LYS A 55 -0.84 -32.64 -1.94
N LYS A 56 -0.96 -33.70 -2.74
CA LYS A 56 -2.06 -33.84 -3.68
C LYS A 56 -3.37 -33.92 -2.91
N LEU A 57 -4.35 -33.12 -3.32
CA LEU A 57 -5.68 -33.18 -2.73
C LEU A 57 -6.59 -34.02 -3.64
N HIS A 58 -7.55 -34.72 -3.03
CA HIS A 58 -8.47 -35.53 -3.81
C HIS A 58 -9.91 -35.23 -3.41
N ASN A 62 -10.78 -37.99 -13.63
CA ASN A 62 -9.57 -38.19 -14.40
C ASN A 62 -8.51 -37.12 -14.12
N LYS A 63 -7.71 -37.35 -13.08
CA LYS A 63 -6.59 -36.46 -12.79
C LYS A 63 -5.70 -36.39 -14.02
N SER A 64 -5.02 -35.26 -14.21
CA SER A 64 -4.19 -35.07 -15.41
C SER A 64 -3.11 -36.15 -15.57
N ASP A 65 -2.15 -36.22 -14.65
CA ASP A 65 -2.05 -35.31 -13.50
C ASP A 65 -0.85 -34.38 -13.63
N GLU A 66 -1.11 -33.08 -13.57
CA GLU A 66 -0.08 -32.08 -13.79
C GLU A 66 -0.08 -31.03 -12.68
N LEU A 67 1.10 -30.47 -12.43
CA LEU A 67 1.24 -29.28 -11.61
C LEU A 67 1.20 -28.12 -12.57
N HIS A 68 0.45 -27.08 -12.25
CA HIS A 68 0.45 -25.85 -13.03
C HIS A 68 0.87 -24.74 -12.08
N LEU A 69 1.97 -24.07 -12.39
CA LEU A 69 2.40 -22.92 -11.57
C LEU A 69 2.42 -21.62 -12.38
N ASP A 70 2.38 -20.50 -11.66
CA ASP A 70 2.41 -19.17 -12.25
C ASP A 70 3.87 -18.82 -12.47
N THR A 71 4.20 -18.17 -13.59
CA THR A 71 5.50 -17.54 -13.77
C THR A 71 5.24 -16.34 -14.64
N SER A 72 6.15 -15.37 -14.60
CA SER A 72 6.15 -14.24 -15.49
C SER A 72 7.58 -13.79 -15.77
N TYR A 73 8.01 -13.94 -17.01
CA TYR A 73 9.37 -13.60 -17.42
C TYR A 73 10.42 -14.26 -16.55
N LEU A 74 10.20 -15.51 -16.17
CA LEU A 74 11.27 -16.28 -15.52
C LEU A 74 11.97 -17.17 -16.53
N ASP A 75 13.24 -17.46 -16.25
CA ASP A 75 13.97 -18.48 -16.99
C ASP A 75 13.95 -19.74 -16.13
N VAL A 76 13.02 -20.66 -16.41
CA VAL A 76 12.97 -21.93 -15.69
C VAL A 76 13.95 -22.94 -16.31
N GLN A 77 14.85 -23.45 -15.49
CA GLN A 77 16.01 -24.19 -15.99
C GLN A 77 15.90 -25.69 -15.81
N GLU A 78 15.49 -26.11 -14.62
CA GLU A 78 15.35 -27.54 -14.34
C GLU A 78 14.24 -27.75 -13.33
N VAL A 79 13.62 -28.91 -13.37
CA VAL A 79 12.62 -29.29 -12.37
C VAL A 79 12.83 -30.73 -11.91
N HIS A 80 12.81 -30.94 -10.60
CA HIS A 80 12.93 -32.26 -10.01
C HIS A 80 11.78 -32.52 -9.06
N ILE A 81 11.24 -33.73 -9.08
CA ILE A 81 10.30 -34.19 -8.07
C ILE A 81 10.88 -35.42 -7.36
N ASP A 82 10.96 -35.37 -6.04
CA ASP A 82 11.56 -36.45 -5.28
C ASP A 82 12.94 -36.85 -5.81
N GLY A 83 13.79 -35.86 -6.04
CA GLY A 83 15.15 -36.11 -6.48
C GLY A 83 15.29 -36.45 -7.95
N SER A 84 14.19 -36.71 -8.64
CA SER A 84 14.27 -37.13 -10.04
C SER A 84 13.81 -36.04 -11.01
N LYS A 85 14.46 -35.98 -12.16
CA LYS A 85 14.11 -35.00 -13.19
C LYS A 85 12.67 -35.19 -13.66
N ALA A 86 11.93 -34.09 -13.73
CA ALA A 86 10.53 -34.16 -14.10
C ALA A 86 10.27 -33.39 -15.39
N ASP A 87 9.47 -33.97 -16.28
CA ASP A 87 9.12 -33.29 -17.52
C ASP A 87 8.35 -32.02 -17.23
N PHE A 88 8.64 -30.94 -17.95
CA PHE A 88 7.94 -29.69 -17.77
C PHE A 88 7.95 -28.89 -19.06
N GLN A 89 6.98 -27.98 -19.18
CA GLN A 89 6.86 -27.10 -20.35
C GLN A 89 6.25 -25.77 -19.92
N ILE A 90 6.85 -24.69 -20.39
CA ILE A 90 6.31 -23.36 -20.19
C ILE A 90 5.35 -23.07 -21.34
N GLU A 91 4.19 -22.50 -21.01
CA GLU A 91 3.24 -22.12 -22.03
C GLU A 91 3.54 -20.70 -22.47
N GLN A 92 3.09 -20.32 -23.67
CA GLN A 92 3.32 -18.96 -24.10
C GLN A 92 2.58 -17.98 -23.19
N ARG A 93 3.16 -16.80 -23.05
CA ARG A 93 2.61 -15.80 -22.18
C ARG A 93 1.18 -15.44 -22.59
N LYS A 94 0.31 -15.28 -21.61
CA LYS A 94 -1.01 -14.70 -21.87
C LYS A 94 -1.20 -13.52 -20.94
N GLU A 95 -1.55 -12.35 -21.50
CA GLU A 95 -1.67 -11.18 -20.66
C GLU A 95 -3.05 -11.18 -20.01
N PRO A 96 -3.13 -10.58 -18.81
CA PRO A 96 -1.99 -10.02 -18.11
C PRO A 96 -1.44 -11.01 -17.09
N LEU A 97 -1.82 -12.28 -17.16
CA LEU A 97 -1.48 -13.20 -16.06
C LEU A 97 -0.14 -13.92 -16.14
N GLY A 98 0.49 -13.93 -17.32
CA GLY A 98 1.81 -14.53 -17.46
C GLY A 98 1.90 -15.87 -18.18
N SER A 99 2.94 -16.63 -17.85
CA SER A 99 3.26 -17.87 -18.55
C SER A 99 3.07 -19.05 -17.61
N ARG A 100 2.09 -19.90 -17.90
CA ARG A 100 1.86 -21.05 -17.03
C ARG A 100 3.01 -22.05 -17.18
N LEU A 101 3.51 -22.56 -16.05
CA LEU A 101 4.53 -23.59 -16.06
C LEU A 101 3.83 -24.90 -15.78
N VAL A 102 4.02 -25.88 -16.65
CA VAL A 102 3.28 -27.12 -16.57
C VAL A 102 4.24 -28.26 -16.27
N ILE A 103 3.97 -28.99 -15.20
CA ILE A 103 4.90 -30.01 -14.73
C ILE A 103 4.18 -31.34 -14.63
N ASN A 104 4.78 -32.38 -15.16
CA ASN A 104 4.22 -33.71 -15.06
C ASN A 104 4.66 -34.34 -13.76
N ASN A 105 3.72 -34.64 -12.87
CA ASN A 105 4.11 -35.27 -11.60
C ASN A 105 3.77 -36.76 -11.54
N ALA A 106 4.74 -37.58 -11.94
CA ALA A 106 4.61 -39.03 -11.85
C ALA A 106 5.04 -39.51 -10.47
N SER A 107 5.14 -38.57 -9.52
CA SER A 107 5.51 -38.90 -8.15
C SER A 107 4.62 -40.00 -7.61
N CYS A 108 5.19 -40.87 -6.78
CA CYS A 108 4.50 -42.05 -6.31
C CYS A 108 3.43 -41.73 -5.27
N ASN A 109 3.77 -40.85 -4.33
CA ASN A 109 2.89 -40.60 -3.19
C ASN A 109 2.14 -39.28 -3.24
N ASP A 110 1.12 -39.15 -2.40
CA ASP A 110 0.33 -37.92 -2.31
C ASP A 110 1.20 -36.77 -1.82
N ASN A 111 2.07 -37.07 -0.86
CA ASN A 111 3.05 -36.10 -0.36
C ASN A 111 4.35 -36.19 -1.18
N PHE A 112 4.85 -35.04 -1.63
CA PHE A 112 6.03 -35.04 -2.47
C PHE A 112 6.78 -33.71 -2.40
N THR A 113 8.02 -33.72 -2.85
CA THR A 113 8.85 -32.53 -2.87
C THR A 113 9.07 -32.09 -4.30
N LEU A 114 8.90 -30.80 -4.54
CA LEU A 114 9.07 -30.20 -5.86
C LEU A 114 10.17 -29.14 -5.85
N ASN A 115 11.21 -29.35 -6.65
CA ASN A 115 12.29 -28.37 -6.75
C ASN A 115 12.38 -27.80 -8.16
N ILE A 116 12.42 -26.48 -8.25
CA ILE A 116 12.55 -25.80 -9.54
C ILE A 116 13.73 -24.84 -9.51
N GLN A 117 14.69 -25.04 -10.40
CA GLN A 117 15.80 -24.10 -10.55
C GLN A 117 15.42 -23.08 -11.58
N PHE A 118 15.73 -21.82 -11.29
CA PHE A 118 15.33 -20.75 -12.17
C PHE A 118 16.23 -19.55 -11.95
N ARG A 119 16.11 -18.57 -12.84
CA ARG A 119 16.66 -17.25 -12.60
C ARG A 119 15.67 -16.18 -13.08
N THR A 120 15.73 -15.00 -12.47
CA THR A 120 14.98 -13.86 -12.97
C THR A 120 15.58 -13.33 -14.27
N THR A 121 14.79 -12.57 -15.03
CA THR A 121 15.30 -12.04 -16.29
C THR A 121 15.26 -10.51 -16.29
N ASP A 122 15.79 -9.92 -17.36
CA ASP A 122 15.76 -8.48 -17.53
C ASP A 122 14.33 -7.93 -17.52
N LYS A 123 13.35 -8.75 -17.89
CA LYS A 123 11.95 -8.32 -17.91
C LYS A 123 11.21 -8.46 -16.57
N CYS A 124 11.93 -8.95 -15.56
CA CYS A 124 11.38 -9.11 -14.21
C CYS A 124 10.59 -7.88 -13.78
N THR A 125 9.37 -8.08 -13.29
CA THR A 125 8.55 -6.96 -12.83
C THR A 125 8.53 -6.85 -11.30
N ALA A 126 9.26 -7.74 -10.64
CA ALA A 126 9.22 -7.79 -9.17
C ALA A 126 10.32 -6.95 -8.49
N LEU A 127 11.38 -6.60 -9.24
CA LEU A 127 12.55 -6.02 -8.62
C LEU A 127 12.90 -4.67 -9.20
N GLN A 128 13.48 -3.82 -8.36
CA GLN A 128 14.20 -2.66 -8.88
C GLN A 128 15.67 -2.76 -8.45
N TRP A 129 16.58 -2.54 -9.41
CA TRP A 129 18.01 -2.57 -9.13
C TRP A 129 18.57 -1.19 -9.24
N LEU A 130 19.39 -0.80 -8.26
CA LEU A 130 20.16 0.44 -8.34
C LEU A 130 21.65 0.14 -8.31
N ASN A 131 22.41 0.82 -9.18
CA ASN A 131 23.87 0.70 -9.16
C ASN A 131 24.55 1.72 -8.23
N SER A 132 25.87 1.54 -8.05
CA SER A 132 26.70 2.38 -7.16
C SER A 132 26.47 3.88 -7.24
N LYS A 133 26.23 4.38 -8.45
CA LYS A 133 26.09 5.81 -8.69
C LYS A 133 24.70 6.34 -8.38
N GLN A 134 23.73 5.45 -8.25
CA GLN A 134 22.33 5.85 -8.08
C GLN A 134 21.90 6.03 -6.63
N THR A 135 22.59 5.36 -5.72
CA THR A 135 22.23 5.41 -4.30
C THR A 135 23.00 6.50 -3.60
N LYS A 136 22.35 7.14 -2.63
CA LYS A 136 22.97 8.20 -1.85
C LYS A 136 24.27 7.70 -1.23
N GLY A 137 24.26 6.44 -0.80
CA GLY A 137 25.35 5.87 -0.02
C GLY A 137 26.47 5.20 -0.78
N GLY A 138 26.38 5.15 -2.10
CA GLY A 138 27.52 4.71 -2.92
C GLY A 138 27.63 3.25 -3.30
N LYS A 139 26.70 2.41 -2.86
CA LYS A 139 26.73 1.00 -3.23
C LYS A 139 25.43 0.59 -3.95
N PRO A 140 25.45 -0.55 -4.65
CA PRO A 140 24.25 -1.01 -5.37
C PRO A 140 23.19 -1.51 -4.41
N TYR A 141 21.98 -1.72 -4.92
CA TYR A 141 20.84 -1.99 -4.05
C TYR A 141 19.76 -2.62 -4.89
N VAL A 142 18.97 -3.49 -4.28
CA VAL A 142 17.83 -4.07 -4.97
C VAL A 142 16.74 -4.30 -3.95
N PHE A 143 15.49 -4.15 -4.36
CA PHE A 143 14.36 -4.49 -3.48
C PHE A 143 13.21 -4.99 -4.30
N SER A 144 12.33 -5.77 -3.68
CA SER A 144 11.16 -6.31 -4.34
C SER A 144 9.87 -5.59 -3.94
N GLN A 145 8.84 -5.80 -4.74
CA GLN A 145 7.48 -5.37 -4.43
C GLN A 145 6.60 -6.35 -5.20
N LEU A 146 5.93 -7.25 -4.49
CA LEU A 146 5.25 -8.37 -5.15
C LEU A 146 3.74 -8.20 -5.31
N GLU A 147 3.15 -7.33 -4.51
CA GLU A 147 1.68 -7.19 -4.57
C GLU A 147 1.31 -6.45 -5.85
N ALA A 148 0.29 -6.92 -6.58
CA ALA A 148 -0.54 -8.06 -6.21
C ALA A 148 -0.08 -9.38 -6.81
N ILE A 149 0.25 -9.40 -8.10
CA ILE A 149 0.68 -10.64 -8.76
C ILE A 149 2.08 -10.62 -9.40
N HIS A 150 3.04 -10.03 -8.70
CA HIS A 150 4.41 -10.00 -9.22
C HIS A 150 5.30 -11.07 -8.58
N ALA A 151 4.79 -11.79 -7.59
CA ALA A 151 5.60 -12.85 -6.98
C ALA A 151 6.00 -13.87 -8.04
N ARG A 152 5.09 -14.14 -8.96
CA ARG A 152 5.37 -15.07 -10.07
C ARG A 152 6.47 -14.55 -11.01
N SER A 153 6.90 -13.31 -10.84
CA SER A 153 8.00 -12.79 -11.68
C SER A 153 9.32 -12.88 -10.91
N LEU A 154 9.22 -13.30 -9.65
CA LEU A 154 10.40 -13.48 -8.79
C LEU A 154 10.72 -14.98 -8.60
N PHE A 155 9.69 -15.79 -8.39
CA PHE A 155 9.86 -17.26 -8.39
C PHE A 155 8.58 -17.96 -8.81
N PRO A 156 8.71 -19.16 -9.39
CA PRO A 156 7.52 -19.92 -9.80
C PRO A 156 6.77 -20.36 -8.56
N CYS A 157 5.45 -20.19 -8.55
CA CYS A 157 4.69 -20.48 -7.36
C CYS A 157 3.18 -20.53 -7.62
N PHE A 158 2.44 -20.88 -6.59
CA PHE A 158 0.98 -20.72 -6.64
C PHE A 158 0.70 -19.29 -6.22
N ASP A 159 0.75 -18.37 -7.18
CA ASP A 159 0.70 -16.93 -6.89
C ASP A 159 -0.74 -16.44 -6.68
N THR A 160 -1.34 -16.89 -5.57
CA THR A 160 -2.68 -16.45 -5.20
C THR A 160 -2.72 -16.22 -3.68
N PRO A 161 -3.50 -15.22 -3.24
CA PRO A 161 -3.55 -15.00 -1.79
C PRO A 161 -4.34 -16.11 -1.07
N SER A 162 -4.99 -17.00 -1.83
CA SER A 162 -5.60 -18.20 -1.28
C SER A 162 -4.59 -19.21 -0.78
N VAL A 163 -3.36 -19.16 -1.28
CA VAL A 163 -2.35 -20.13 -0.85
C VAL A 163 -1.38 -19.50 0.14
N LYS A 164 -1.28 -20.06 1.35
CA LYS A 164 -0.35 -19.56 2.36
C LYS A 164 0.50 -20.71 2.85
N SER A 165 1.77 -20.42 3.10
CA SER A 165 2.79 -21.44 3.38
C SER A 165 3.82 -20.85 4.30
N THR A 166 4.36 -21.67 5.22
CA THR A 166 5.58 -21.29 5.91
C THR A 166 6.73 -21.21 4.91
N PHE A 167 7.73 -20.40 5.23
CA PHE A 167 8.93 -20.27 4.40
C PHE A 167 10.22 -20.45 5.19
N THR A 168 11.22 -21.00 4.53
CA THR A 168 12.61 -20.82 4.96
C THR A 168 13.30 -20.18 3.76
N ALA A 169 14.40 -19.47 3.99
CA ALA A 169 15.09 -18.82 2.90
C ALA A 169 16.57 -18.66 3.16
N SER A 170 17.40 -19.05 2.20
CA SER A 170 18.81 -18.71 2.27
C SER A 170 19.11 -17.80 1.11
N ILE A 171 19.74 -16.67 1.39
CA ILE A 171 20.00 -15.70 0.35
C ILE A 171 21.46 -15.31 0.37
N GLU A 172 22.16 -15.61 -0.71
CA GLU A 172 23.57 -15.26 -0.81
C GLU A 172 23.67 -13.89 -1.49
N SER A 173 24.46 -12.98 -0.92
CA SER A 173 24.65 -11.65 -1.50
C SER A 173 25.98 -11.08 -1.02
N PRO A 174 26.64 -10.26 -1.85
CA PRO A 174 27.85 -9.60 -1.35
C PRO A 174 27.54 -8.41 -0.45
N LEU A 175 26.25 -8.11 -0.24
CA LEU A 175 25.81 -7.02 0.66
C LEU A 175 24.70 -7.54 1.58
N PRO A 176 24.50 -6.87 2.72
CA PRO A 176 23.42 -7.22 3.66
C PRO A 176 22.05 -7.47 3.00
N VAL A 177 21.30 -8.41 3.57
CA VAL A 177 19.99 -8.79 3.04
C VAL A 177 18.99 -8.71 4.17
N VAL A 178 17.83 -8.15 3.89
CA VAL A 178 16.69 -8.35 4.77
C VAL A 178 15.58 -9.08 4.02
N PHE A 179 14.74 -9.77 4.77
CA PHE A 179 13.76 -10.69 4.22
C PHE A 179 12.53 -10.62 5.12
N SER A 180 11.38 -10.98 4.57
CA SER A 180 10.13 -11.02 5.33
C SER A 180 10.06 -12.27 6.20
N GLY A 181 10.97 -12.36 7.16
CA GLY A 181 10.99 -13.45 8.11
C GLY A 181 11.99 -13.14 9.20
N ILE A 182 12.14 -14.06 10.14
CA ILE A 182 13.04 -13.86 11.26
C ILE A 182 14.39 -14.46 10.92
N ARG A 183 15.42 -13.64 11.05
CA ARG A 183 16.77 -14.06 10.75
C ARG A 183 17.21 -15.18 11.67
N ILE A 184 17.84 -16.20 11.10
CA ILE A 184 18.53 -17.21 11.88
C ILE A 184 19.95 -16.71 12.10
N GLU A 185 20.25 -16.32 13.34
CA GLU A 185 21.33 -15.38 13.63
C GLU A 185 22.77 -15.80 13.35
N ASP A 186 23.65 -14.81 13.24
CA ASP A 186 25.06 -15.01 12.94
C ASP A 186 25.90 -15.15 14.21
N THR A 191 29.34 -13.04 7.35
CA THR A 191 28.82 -14.01 6.37
C THR A 191 28.24 -13.33 5.14
N ASN A 192 28.16 -14.08 4.04
CA ASN A 192 27.47 -13.60 2.84
C ASN A 192 26.23 -14.44 2.52
N ILE A 193 25.84 -15.31 3.46
CA ILE A 193 24.64 -16.13 3.32
C ILE A 193 23.67 -15.85 4.45
N TYR A 194 22.55 -15.25 4.10
CA TYR A 194 21.56 -14.82 5.08
C TYR A 194 20.41 -15.82 5.12
N ARG A 195 20.18 -16.43 6.29
CA ARG A 195 19.10 -17.40 6.44
C ARG A 195 17.96 -16.82 7.28
N PHE A 196 16.73 -17.19 6.91
CA PHE A 196 15.54 -16.62 7.58
C PHE A 196 14.50 -17.71 7.71
N GLU A 197 13.54 -17.48 8.60
CA GLU A 197 12.42 -18.40 8.75
C GLU A 197 11.15 -17.58 8.91
N GLN A 198 10.08 -17.96 8.20
CA GLN A 198 8.77 -17.35 8.42
C GLN A 198 7.87 -18.47 8.91
N LYS A 199 7.65 -18.54 10.21
CA LYS A 199 6.95 -19.69 10.78
C LYS A 199 5.42 -19.53 10.77
N VAL A 200 4.92 -18.34 10.45
CA VAL A 200 3.49 -18.13 10.25
C VAL A 200 3.22 -18.25 8.75
N PRO A 201 2.22 -19.07 8.34
CA PRO A 201 2.03 -19.25 6.89
C PRO A 201 1.67 -17.93 6.20
N ILE A 202 2.26 -17.66 5.04
CA ILE A 202 1.97 -16.42 4.31
C ILE A 202 1.74 -16.65 2.80
N PRO A 203 0.96 -15.76 2.15
CA PRO A 203 0.82 -15.77 0.69
C PRO A 203 2.11 -15.27 0.01
N ALA A 204 2.34 -15.68 -1.22
CA ALA A 204 3.56 -15.27 -1.94
C ALA A 204 3.68 -13.75 -2.07
N TYR A 205 2.56 -13.04 -2.13
CA TYR A 205 2.63 -11.61 -2.45
C TYR A 205 3.25 -10.84 -1.27
N LEU A 206 3.32 -11.47 -0.10
CA LEU A 206 3.89 -10.85 1.10
C LEU A 206 5.41 -11.06 1.22
N ILE A 207 5.96 -11.90 0.35
CA ILE A 207 7.41 -12.12 0.38
C ILE A 207 8.08 -10.79 0.09
N GLY A 208 9.13 -10.52 0.85
CA GLY A 208 9.88 -9.29 0.67
C GLY A 208 11.37 -9.57 0.77
N ILE A 209 12.13 -8.94 -0.11
CA ILE A 209 13.59 -9.05 -0.05
C ILE A 209 14.22 -7.73 -0.43
N ALA A 210 15.29 -7.37 0.27
CA ALA A 210 16.11 -6.22 -0.15
C ALA A 210 17.56 -6.50 0.17
N SER A 211 18.46 -5.92 -0.61
CA SER A 211 19.87 -6.08 -0.32
C SER A 211 20.60 -4.85 -0.74
N GLY A 212 21.45 -4.38 0.15
CA GLY A 212 22.29 -3.24 -0.12
C GLY A 212 23.08 -2.89 1.10
N ASP A 213 23.68 -1.71 1.08
CA ASP A 213 24.47 -1.25 2.22
C ASP A 213 23.54 -0.85 3.34
N LEU A 214 23.11 -1.83 4.12
CA LEU A 214 22.13 -1.61 5.16
C LEU A 214 22.77 -1.72 6.53
N SER A 215 22.46 -0.77 7.39
CA SER A 215 22.77 -0.89 8.79
C SER A 215 21.44 -0.87 9.52
N SER A 216 21.48 -1.03 10.83
CA SER A 216 20.28 -1.13 11.63
C SER A 216 20.45 -0.53 13.02
N ALA A 217 19.33 -0.19 13.64
CA ALA A 217 19.31 0.46 14.96
C ALA A 217 17.99 0.14 15.67
N PRO A 218 18.05 -0.07 16.98
CA PRO A 218 16.81 -0.40 17.69
C PRO A 218 15.83 0.77 17.77
N ILE A 219 14.55 0.51 17.53
CA ILE A 219 13.54 1.54 17.72
C ILE A 219 12.51 1.14 18.76
N GLY A 220 12.72 0.00 19.39
CA GLY A 220 11.83 -0.45 20.45
C GLY A 220 12.28 -1.81 20.95
N PRO A 221 11.63 -2.35 21.99
CA PRO A 221 11.98 -3.64 22.58
C PRO A 221 11.83 -4.82 21.62
N ARG A 222 11.01 -4.68 20.59
CA ARG A 222 10.91 -5.74 19.61
C ARG A 222 10.96 -5.20 18.19
N SER A 223 11.64 -4.07 18.02
CA SER A 223 11.65 -3.38 16.74
C SER A 223 13.00 -2.81 16.36
N THR A 224 13.38 -3.00 15.11
CA THR A 224 14.65 -2.49 14.63
C THR A 224 14.38 -1.78 13.32
N VAL A 225 15.07 -0.68 13.06
CA VAL A 225 14.97 -0.08 11.74
C VAL A 225 16.22 -0.37 10.90
N TYR A 226 16.02 -0.61 9.61
CA TYR A 226 17.09 -0.88 8.66
C TYR A 226 17.09 0.21 7.60
N THR A 227 18.26 0.72 7.23
CA THR A 227 18.35 1.71 6.16
C THR A 227 19.80 1.99 5.80
N GLU A 228 20.02 2.92 4.88
CA GLU A 228 21.39 3.30 4.53
C GLU A 228 22.02 4.06 5.69
N PRO A 229 23.29 3.77 5.99
CA PRO A 229 23.96 4.40 7.14
C PRO A 229 23.72 5.91 7.24
N PHE A 230 23.74 6.64 6.13
CA PHE A 230 23.68 8.09 6.19
C PHE A 230 22.39 8.59 6.82
N ARG A 231 21.35 7.76 6.74
CA ARG A 231 20.01 8.14 7.18
C ARG A 231 19.61 7.41 8.46
N LEU A 232 20.47 6.51 8.92
CA LEU A 232 20.14 5.61 10.02
C LEU A 232 19.66 6.31 11.30
N LYS A 233 20.43 7.27 11.79
CA LYS A 233 20.03 7.92 13.03
C LYS A 233 18.80 8.80 12.86
N ASP A 234 18.60 9.40 11.70
CA ASP A 234 17.37 10.16 11.49
C ASP A 234 16.15 9.23 11.57
N CYS A 235 16.28 8.05 10.99
CA CYS A 235 15.18 7.08 10.98
C CYS A 235 14.90 6.60 12.39
N GLN A 236 15.97 6.32 13.13
CA GLN A 236 15.81 5.84 14.51
C GLN A 236 15.05 6.85 15.34
N TRP A 237 15.39 8.13 15.19
CA TRP A 237 14.73 9.15 16.00
C TRP A 237 13.26 9.24 15.60
N GLU A 238 12.96 9.07 14.32
CA GLU A 238 11.60 9.28 13.84
C GLU A 238 10.64 8.23 14.39
N PHE A 239 11.16 7.03 14.65
CA PHE A 239 10.30 5.88 14.97
C PHE A 239 10.38 5.45 16.42
N GLU A 240 11.49 5.79 17.09
CA GLU A 240 11.82 5.14 18.37
C GLU A 240 10.91 5.58 19.51
N ASN A 241 10.18 6.68 19.32
CA ASN A 241 9.35 7.21 20.39
C ASN A 241 7.93 6.68 20.31
N ASP A 242 7.62 5.97 19.22
CA ASP A 242 6.22 5.71 18.92
C ASP A 242 5.86 4.31 18.48
N VAL A 243 6.82 3.55 17.93
CA VAL A 243 6.49 2.25 17.35
C VAL A 243 5.97 1.28 18.43
N GLU A 244 6.59 1.22 19.60
CA GLU A 244 6.10 0.26 20.57
C GLU A 244 4.72 0.64 21.07
N LYS A 245 4.48 1.94 21.20
CA LYS A 245 3.16 2.42 21.58
C LYS A 245 2.09 2.00 20.56
N PHE A 246 2.38 2.11 19.27
CA PHE A 246 1.48 1.63 18.24
C PHE A 246 1.22 0.14 18.39
N ILE A 247 2.27 -0.65 18.59
CA ILE A 247 2.06 -2.08 18.68
C ILE A 247 1.12 -2.40 19.83
N GLN A 248 1.42 -1.86 21.00
CA GLN A 248 0.65 -2.15 22.23
C GLN A 248 -0.78 -1.64 22.11
N THR A 249 -0.97 -0.54 21.40
CA THR A 249 -2.31 -0.05 21.12
C THR A 249 -3.14 -1.02 20.25
N ALA A 250 -2.52 -1.50 19.17
CA ALA A 250 -3.18 -2.49 18.30
C ALA A 250 -3.52 -3.76 19.05
N GLU A 251 -2.58 -4.22 19.86
CA GLU A 251 -2.76 -5.45 20.63
C GLU A 251 -3.95 -5.35 21.61
N LYS A 252 -4.18 -4.17 22.18
CA LYS A 252 -5.28 -3.98 23.11
C LYS A 252 -6.61 -4.01 22.36
N ILE A 253 -6.64 -3.43 21.17
CA ILE A 253 -7.87 -3.40 20.39
C ILE A 253 -8.19 -4.81 19.89
N ILE A 254 -7.16 -5.50 19.38
CA ILE A 254 -7.35 -6.84 18.83
C ILE A 254 -6.84 -7.88 19.83
N PHE A 255 -5.66 -8.44 19.56
CA PHE A 255 -5.02 -9.32 20.53
C PHE A 255 -3.52 -9.40 20.26
N GLU A 256 -2.79 -10.14 21.08
CA GLU A 256 -1.33 -10.19 21.01
C GLU A 256 -0.82 -10.33 19.58
N TYR A 257 0.26 -9.61 19.31
CA TYR A 257 0.92 -9.63 18.00
C TYR A 257 1.74 -10.91 18.01
N GLU A 258 1.54 -11.80 17.03
CA GLU A 258 2.17 -13.11 17.14
C GLU A 258 3.34 -13.34 16.18
N TRP A 259 3.78 -12.30 15.48
CA TRP A 259 4.86 -12.44 14.50
C TRP A 259 6.28 -12.27 15.08
N GLY A 260 6.39 -11.99 16.37
CA GLY A 260 7.70 -11.84 16.99
C GLY A 260 8.20 -10.40 16.91
N THR A 261 9.04 -10.11 15.92
CA THR A 261 9.57 -8.77 15.78
C THR A 261 8.66 -7.96 14.87
N TYR A 262 8.70 -6.65 15.03
CA TYR A 262 8.13 -5.72 14.07
C TYR A 262 9.22 -4.75 13.60
N ASP A 263 9.80 -5.02 12.44
CA ASP A 263 10.94 -4.24 11.96
C ASP A 263 10.50 -3.39 10.79
N ILE A 264 11.26 -2.32 10.53
CA ILE A 264 10.98 -1.43 9.41
C ILE A 264 12.22 -1.24 8.54
N LEU A 265 12.07 -1.43 7.22
CA LEU A 265 13.12 -1.10 6.26
C LEU A 265 12.78 0.24 5.63
N VAL A 266 13.63 1.25 5.83
CA VAL A 266 13.39 2.55 5.21
C VAL A 266 14.14 2.52 3.89
N ASN A 267 13.39 2.43 2.80
CA ASN A 267 13.97 2.13 1.51
C ASN A 267 14.69 3.30 0.85
N VAL A 268 15.28 3.01 -0.31
CA VAL A 268 15.92 4.03 -1.15
C VAL A 268 14.88 5.03 -1.65
N ASP A 269 15.33 6.18 -2.12
CA ASP A 269 14.40 7.24 -2.50
C ASP A 269 13.49 6.90 -3.69
N SER A 270 13.88 5.93 -4.53
CA SER A 270 13.03 5.50 -5.65
C SER A 270 11.82 4.65 -5.26
N TYR A 271 11.72 4.30 -3.99
CA TYR A 271 10.62 3.47 -3.54
C TYR A 271 9.26 4.12 -3.86
N PRO A 272 8.37 3.39 -4.54
CA PRO A 272 7.16 3.98 -5.14
C PRO A 272 5.90 3.98 -4.27
N TYR A 273 5.87 3.22 -3.18
CA TYR A 273 4.70 3.20 -2.32
C TYR A 273 5.04 3.87 -1.00
N GLY A 274 4.03 4.06 -0.16
CA GLY A 274 4.24 4.68 1.13
C GLY A 274 4.80 3.59 2.02
N GLY A 275 4.32 2.36 1.82
CA GLY A 275 4.79 1.25 2.62
C GLY A 275 4.29 -0.06 2.07
N MET A 276 4.87 -1.17 2.53
CA MET A 276 4.41 -2.50 2.12
C MET A 276 4.58 -3.35 3.35
N GLU A 277 3.50 -4.04 3.72
CA GLU A 277 3.40 -4.77 4.97
C GLU A 277 4.01 -6.18 4.95
N SER A 278 5.19 -6.36 4.36
CA SER A 278 5.83 -7.67 4.41
C SER A 278 6.01 -8.05 5.86
N PRO A 279 5.57 -9.26 6.23
CA PRO A 279 5.71 -9.75 7.61
C PRO A 279 7.13 -9.72 8.13
N ASN A 280 7.31 -9.15 9.31
CA ASN A 280 8.62 -9.00 9.94
C ASN A 280 9.56 -8.03 9.24
N MET A 281 9.10 -7.36 8.18
CA MET A 281 9.92 -6.32 7.57
C MET A 281 9.07 -5.38 6.73
N THR A 282 8.43 -4.43 7.38
CA THR A 282 7.68 -3.40 6.68
C THR A 282 8.62 -2.61 5.77
N PHE A 283 8.25 -2.41 4.52
CA PHE A 283 9.03 -1.59 3.62
C PHE A 283 8.43 -0.21 3.70
N ALA A 284 9.27 0.80 3.91
CA ALA A 284 8.78 2.17 4.06
C ALA A 284 9.50 3.17 3.16
N THR A 285 8.77 4.20 2.71
CA THR A 285 9.33 5.32 1.95
C THR A 285 10.12 6.24 2.89
N PRO A 286 11.29 6.70 2.43
CA PRO A 286 12.08 7.65 3.22
C PRO A 286 11.37 8.99 3.38
N THR A 287 10.36 9.24 2.55
CA THR A 287 9.61 10.49 2.70
C THR A 287 8.76 10.44 3.96
N LEU A 288 8.83 9.33 4.70
CA LEU A 288 8.17 9.29 5.99
C LEU A 288 8.97 10.12 6.98
N LEU A 289 10.26 10.30 6.72
CA LEU A 289 11.10 11.05 7.62
C LEU A 289 10.94 12.55 7.43
N ALA A 290 10.35 13.19 8.44
CA ALA A 290 10.07 14.61 8.38
C ALA A 290 10.83 15.37 9.48
N HIS A 291 11.51 14.62 10.34
CA HIS A 291 12.30 15.20 11.43
C HIS A 291 11.47 15.75 12.58
N ASP A 292 10.16 15.56 12.53
CA ASP A 292 9.29 16.00 13.63
C ASP A 292 8.31 14.91 14.06
N ARG A 293 8.27 13.82 13.31
CA ARG A 293 7.36 12.69 13.56
C ARG A 293 5.92 12.89 13.11
N SER A 294 5.74 13.65 12.03
CA SER A 294 4.40 13.95 11.50
C SER A 294 3.72 12.83 10.73
N ASN A 295 4.52 12.00 10.04
CA ASN A 295 3.99 11.07 9.06
C ASN A 295 3.88 9.61 9.47
N ILE A 296 3.91 9.34 10.76
CA ILE A 296 4.08 7.95 11.18
C ILE A 296 2.83 7.06 11.09
N ASP A 297 1.67 7.64 10.77
CA ASP A 297 0.46 6.85 10.70
C ASP A 297 0.59 5.81 9.58
N VAL A 298 1.42 6.10 8.58
CA VAL A 298 1.69 5.10 7.56
C VAL A 298 2.23 3.85 8.23
N ILE A 299 2.87 4.02 9.39
CA ILE A 299 3.34 2.86 10.15
C ILE A 299 2.18 2.18 10.92
N ALA A 300 1.23 2.95 11.45
CA ALA A 300 0.04 2.33 12.03
C ALA A 300 -0.71 1.52 10.97
N HIS A 301 -0.70 2.01 9.74
CA HIS A 301 -1.29 1.27 8.62
C HIS A 301 -0.61 -0.08 8.37
N GLU A 302 0.69 -0.07 8.09
CA GLU A 302 1.39 -1.32 7.83
C GLU A 302 1.31 -2.24 9.05
N LEU A 303 1.33 -1.66 10.24
CA LEU A 303 1.23 -2.47 11.45
C LEU A 303 -0.11 -3.18 11.54
N ALA A 304 -1.20 -2.48 11.22
CA ALA A 304 -2.53 -3.12 11.30
C ALA A 304 -2.64 -4.29 10.31
N HIS A 305 -1.94 -4.21 9.18
CA HIS A 305 -1.90 -5.32 8.23
C HIS A 305 -1.46 -6.63 8.87
N SER A 306 -0.67 -6.53 9.92
CA SER A 306 -0.21 -7.74 10.61
C SER A 306 -1.41 -8.63 10.88
N TRP A 307 -2.52 -8.02 11.26
CA TRP A 307 -3.78 -8.74 11.41
C TRP A 307 -4.60 -8.85 10.11
N SER A 308 -4.96 -7.71 9.52
CA SER A 308 -5.86 -7.71 8.36
C SER A 308 -5.04 -7.69 7.10
N GLY A 309 -4.81 -8.87 6.55
CA GLY A 309 -4.00 -9.01 5.36
C GLY A 309 -3.02 -10.13 5.56
N ASN A 310 -2.23 -10.03 6.63
CA ASN A 310 -1.15 -10.99 6.86
C ASN A 310 -1.61 -12.25 7.58
N LEU A 311 -2.33 -12.05 8.68
CA LEU A 311 -2.87 -13.15 9.47
C LEU A 311 -4.14 -13.69 8.81
N VAL A 312 -5.01 -12.78 8.40
CA VAL A 312 -6.26 -13.13 7.75
C VAL A 312 -6.26 -12.47 6.37
N THR A 313 -6.34 -13.27 5.32
CA THR A 313 -6.05 -12.78 3.97
C THR A 313 -7.22 -12.89 3.01
N ASN A 314 -7.36 -11.93 2.10
CA ASN A 314 -8.38 -12.05 1.07
C ASN A 314 -8.05 -13.22 0.15
N CYS A 315 -9.07 -13.99 -0.21
CA CYS A 315 -8.85 -15.18 -1.01
C CYS A 315 -8.51 -14.87 -2.46
N SER A 316 -8.95 -13.71 -2.94
CA SER A 316 -8.68 -13.29 -4.31
C SER A 316 -8.71 -11.79 -4.37
N TRP A 317 -8.36 -11.23 -5.52
CA TRP A 317 -8.32 -9.78 -5.66
C TRP A 317 -9.69 -9.16 -5.89
N ASN A 318 -10.72 -10.00 -6.02
CA ASN A 318 -12.11 -9.53 -6.00
C ASN A 318 -12.57 -9.05 -4.65
N HIS A 319 -11.89 -9.52 -3.60
CA HIS A 319 -12.31 -9.24 -2.21
C HIS A 319 -11.21 -8.48 -1.47
N PHE A 320 -10.47 -7.69 -2.23
CA PHE A 320 -9.35 -6.89 -1.72
C PHE A 320 -9.77 -5.96 -0.58
N TRP A 321 -11.04 -5.55 -0.56
CA TRP A 321 -11.54 -4.69 0.51
C TRP A 321 -11.34 -5.30 1.92
N LEU A 322 -11.39 -6.62 2.01
CA LEU A 322 -11.22 -7.31 3.30
C LEU A 322 -9.85 -7.02 3.88
N ASN A 323 -8.85 -6.90 3.01
N ASN A 323 -8.89 -6.82 2.99
CA ASN A 323 -7.52 -6.49 3.43
CA ASN A 323 -7.52 -6.52 3.33
C ASN A 323 -7.53 -5.01 3.73
C ASN A 323 -7.35 -5.04 3.66
N GLU A 324 -7.64 -4.18 2.69
CA GLU A 324 -7.41 -2.74 2.85
C GLU A 324 -8.48 -2.00 3.64
N GLY A 325 -9.74 -2.42 3.53
CA GLY A 325 -10.82 -1.78 4.28
C GLY A 325 -10.68 -2.02 5.78
N TRP A 326 -10.47 -3.27 6.14
CA TRP A 326 -10.16 -3.56 7.55
C TRP A 326 -8.93 -2.78 8.04
N THR A 327 -7.84 -2.82 7.27
CA THR A 327 -6.61 -2.12 7.68
C THR A 327 -6.85 -0.64 7.96
N VAL A 328 -7.56 0.04 7.05
CA VAL A 328 -7.82 1.46 7.23
C VAL A 328 -8.67 1.65 8.48
N TYR A 329 -9.64 0.75 8.67
CA TYR A 329 -10.49 0.78 9.88
C TYR A 329 -9.63 0.60 11.13
N LEU A 330 -8.83 -0.45 11.15
CA LEU A 330 -7.96 -0.69 12.31
C LEU A 330 -6.94 0.43 12.56
N GLU A 331 -6.29 0.92 11.51
CA GLU A 331 -5.35 2.04 11.58
C GLU A 331 -6.00 3.23 12.29
N ARG A 332 -7.21 3.58 11.86
CA ARG A 332 -7.94 4.69 12.45
C ARG A 332 -8.39 4.42 13.90
N ARG A 333 -8.65 3.17 14.25
CA ARG A 333 -8.86 2.84 15.68
C ARG A 333 -7.56 3.08 16.51
N ILE A 334 -6.41 2.75 15.95
CA ILE A 334 -5.14 2.96 16.66
C ILE A 334 -4.92 4.44 16.94
N ILE A 335 -5.01 5.26 15.90
CA ILE A 335 -4.77 6.68 16.08
C ILE A 335 -5.86 7.31 16.94
N GLY A 336 -7.07 6.76 16.87
CA GLY A 336 -8.14 7.27 17.70
C GLY A 336 -7.89 6.96 19.17
N ALA A 337 -7.34 5.78 19.43
CA ALA A 337 -7.10 5.38 20.81
C ALA A 337 -5.97 6.21 21.41
N ILE A 338 -5.04 6.65 20.57
CA ILE A 338 -3.88 7.40 21.06
C ILE A 338 -4.20 8.90 21.15
N HIS A 339 -4.91 9.40 20.14
CA HIS A 339 -5.14 10.84 20.01
C HIS A 339 -6.58 11.30 20.26
N GLY A 340 -7.54 10.39 20.31
CA GLY A 340 -8.92 10.77 20.54
C GLY A 340 -9.77 10.74 19.28
N GLU A 341 -11.08 10.74 19.45
CA GLU A 341 -12.02 10.60 18.35
C GLU A 341 -11.91 11.71 17.30
N PRO A 342 -11.62 12.96 17.73
CA PRO A 342 -11.54 13.99 16.68
C PRO A 342 -10.44 13.70 15.66
N THR A 343 -9.35 13.11 16.12
CA THR A 343 -8.26 12.72 15.24
C THR A 343 -8.67 11.58 14.30
N ARG A 344 -9.32 10.55 14.84
CA ARG A 344 -9.79 9.45 13.98
C ARG A 344 -10.72 10.00 12.91
N HIS A 345 -11.65 10.85 13.32
CA HIS A 345 -12.64 11.40 12.41
C HIS A 345 -12.01 12.33 11.37
N PHE A 346 -11.00 13.10 11.78
CA PHE A 346 -10.30 13.95 10.81
C PHE A 346 -9.67 13.07 9.73
N SER A 347 -9.06 11.98 10.14
CA SER A 347 -8.45 11.08 9.15
C SER A 347 -9.52 10.54 8.18
N ALA A 348 -10.71 10.23 8.69
CA ALA A 348 -11.80 9.69 7.86
C ALA A 348 -12.29 10.74 6.88
N LEU A 349 -12.24 12.00 7.30
CA LEU A 349 -12.70 13.12 6.49
C LEU A 349 -11.79 13.33 5.32
N ILE A 350 -10.48 13.22 5.55
CA ILE A 350 -9.53 13.32 4.46
C ILE A 350 -9.76 12.12 3.51
N GLY A 351 -9.94 10.93 4.09
CA GLY A 351 -10.22 9.73 3.31
C GLY A 351 -11.47 9.84 2.45
N TRP A 352 -12.49 10.51 2.98
CA TRP A 352 -13.72 10.74 2.23
C TRP A 352 -13.45 11.54 0.97
N SER A 353 -12.66 12.61 1.09
CA SER A 353 -12.34 13.41 -0.08
C SER A 353 -11.41 12.67 -1.04
N ASP A 354 -10.49 11.84 -0.54
CA ASP A 354 -9.72 10.92 -1.38
C ASP A 354 -10.64 9.95 -2.17
N LEU A 355 -11.64 9.39 -1.51
CA LEU A 355 -12.59 8.51 -2.18
C LEU A 355 -13.30 9.25 -3.32
N GLN A 356 -13.80 10.44 -3.00
CA GLN A 356 -14.53 11.22 -3.99
C GLN A 356 -13.67 11.49 -5.20
N ASN A 357 -12.45 11.93 -4.98
CA ASN A 357 -11.56 12.23 -6.09
C ASN A 357 -11.29 11.00 -6.93
N SER A 358 -11.08 9.87 -6.26
CA SER A 358 -10.76 8.62 -6.94
C SER A 358 -11.90 8.16 -7.85
N ILE A 359 -13.12 8.30 -7.37
CA ILE A 359 -14.28 7.90 -8.15
C ILE A 359 -14.56 8.93 -9.26
N ASP A 360 -14.41 10.21 -8.95
CA ASP A 360 -14.59 11.28 -9.94
C ASP A 360 -13.58 11.18 -11.08
N SER A 361 -12.38 10.69 -10.77
CA SER A 361 -11.30 10.63 -11.76
C SER A 361 -11.37 9.31 -12.52
N MET A 362 -12.34 8.49 -12.17
CA MET A 362 -12.39 7.14 -12.69
C MET A 362 -12.77 7.00 -14.16
N LYS A 363 -12.00 6.15 -14.81
CA LYS A 363 -12.27 5.58 -16.11
C LYS A 363 -13.70 5.04 -16.28
N ASP A 364 -13.96 3.94 -15.58
CA ASP A 364 -15.16 3.14 -15.71
C ASP A 364 -15.71 2.99 -14.30
N PRO A 365 -16.24 4.08 -13.72
CA PRO A 365 -16.70 4.02 -12.33
C PRO A 365 -17.80 2.99 -12.09
N GLU A 366 -18.66 2.75 -13.08
CA GLU A 366 -19.75 1.81 -12.90
C GLU A 366 -19.21 0.44 -12.53
N ARG A 367 -18.04 0.11 -13.10
CA ARG A 367 -17.39 -1.16 -12.82
C ARG A 367 -16.46 -1.06 -11.62
N PHE A 368 -15.53 -0.11 -11.66
CA PHE A 368 -14.42 -0.15 -10.72
C PHE A 368 -14.69 0.52 -9.37
N SER A 369 -15.89 1.08 -9.17
CA SER A 369 -16.17 1.71 -7.88
C SER A 369 -17.05 0.85 -6.98
N THR A 370 -17.35 -0.37 -7.40
CA THR A 370 -18.08 -1.29 -6.52
C THR A 370 -17.10 -1.84 -5.51
N LEU A 371 -17.58 -2.05 -4.28
CA LEU A 371 -16.69 -2.53 -3.22
C LEU A 371 -16.11 -3.91 -3.52
N VAL A 372 -16.97 -4.86 -3.92
CA VAL A 372 -16.54 -6.19 -4.34
C VAL A 372 -16.32 -6.11 -5.83
N GLN A 373 -15.20 -6.65 -6.29
CA GLN A 373 -14.83 -6.57 -7.70
C GLN A 373 -15.08 -7.87 -8.44
N ASN A 374 -15.05 -7.82 -9.76
CA ASN A 374 -15.34 -8.98 -10.61
C ASN A 374 -14.30 -9.03 -11.68
N LEU A 375 -13.10 -9.48 -11.30
CA LEU A 375 -11.99 -9.54 -12.23
C LEU A 375 -12.17 -10.85 -12.99
N ASN A 376 -11.80 -10.87 -14.24
CA ASN A 376 -11.85 -12.15 -14.93
C ASN A 376 -10.42 -12.63 -14.97
N ASP A 377 -10.11 -13.58 -15.84
CA ASP A 377 -8.72 -13.93 -16.07
C ASP A 377 -8.12 -13.00 -17.11
N ASN A 378 -8.90 -12.05 -17.59
CA ASN A 378 -8.43 -11.08 -18.59
C ASN A 378 -8.18 -9.70 -17.97
N THR A 379 -8.42 -9.58 -16.66
CA THR A 379 -8.29 -8.29 -16.01
C THR A 379 -7.02 -8.24 -15.19
N ASP A 380 -6.26 -7.16 -15.35
CA ASP A 380 -5.12 -6.91 -14.50
C ASP A 380 -5.66 -6.48 -13.15
N PRO A 381 -5.28 -7.21 -12.08
CA PRO A 381 -5.72 -6.85 -10.73
C PRO A 381 -5.39 -5.40 -10.38
N ASP A 382 -4.29 -4.87 -10.92
CA ASP A 382 -3.93 -3.48 -10.76
C ASP A 382 -5.11 -2.58 -11.12
N ASP A 383 -5.75 -2.88 -12.23
CA ASP A 383 -6.81 -2.03 -12.77
C ASP A 383 -7.95 -1.81 -11.79
N ALA A 384 -7.98 -2.60 -10.73
CA ALA A 384 -9.06 -2.51 -9.75
C ALA A 384 -8.60 -1.87 -8.46
N PHE A 385 -7.31 -1.55 -8.36
CA PHE A 385 -6.83 -0.88 -7.17
C PHE A 385 -7.10 0.61 -7.31
N SER A 386 -7.75 1.15 -6.29
CA SER A 386 -8.08 2.55 -6.24
C SER A 386 -8.31 2.81 -4.78
N THR A 387 -8.85 3.98 -4.48
CA THR A 387 -9.19 4.30 -3.10
C THR A 387 -10.43 3.56 -2.59
N VAL A 388 -11.23 3.00 -3.51
CA VAL A 388 -12.50 2.37 -3.12
C VAL A 388 -12.38 1.26 -2.06
N PRO A 389 -11.48 0.27 -2.26
CA PRO A 389 -11.43 -0.78 -1.23
C PRO A 389 -11.03 -0.22 0.13
N TYR A 390 -10.15 0.78 0.12
CA TYR A 390 -9.69 1.41 1.35
C TYR A 390 -10.83 2.11 2.06
N GLU A 391 -11.45 3.07 1.36
CA GLU A 391 -12.35 4.01 2.01
C GLU A 391 -13.81 3.59 1.98
N LYS A 392 -14.27 2.99 0.90
CA LYS A 392 -15.62 2.44 0.95
C LYS A 392 -15.58 1.25 1.91
N GLY A 393 -14.46 0.52 1.90
CA GLY A 393 -14.27 -0.58 2.84
C GLY A 393 -14.33 -0.10 4.27
N PHE A 394 -13.48 0.87 4.59
CA PHE A 394 -13.54 1.52 5.91
C PHE A 394 -14.93 2.01 6.28
N ASN A 395 -15.60 2.69 5.35
CA ASN A 395 -16.93 3.22 5.67
C ASN A 395 -18.00 2.17 5.94
N LEU A 396 -17.91 1.03 5.28
CA LEU A 396 -18.84 -0.04 5.61
C LEU A 396 -18.59 -0.53 7.04
N LEU A 397 -17.32 -0.67 7.41
CA LEU A 397 -17.00 -1.13 8.77
C LEU A 397 -17.35 -0.12 9.86
N PHE A 398 -17.13 1.16 9.57
CA PHE A 398 -17.49 2.24 10.46
C PHE A 398 -19.03 2.29 10.67
N HIS A 399 -19.77 2.02 9.60
CA HIS A 399 -21.23 1.96 9.65
C HIS A 399 -21.69 0.82 10.56
N LEU A 400 -21.07 -0.34 10.39
CA LEU A 400 -21.34 -1.52 11.19
C LEU A 400 -21.03 -1.29 12.67
N GLU A 401 -19.85 -0.71 12.93
CA GLU A 401 -19.48 -0.30 14.28
C GLU A 401 -20.61 0.51 14.90
N THR A 402 -21.09 1.50 14.16
CA THR A 402 -22.13 2.42 14.66
C THR A 402 -23.45 1.73 14.96
N ILE A 403 -24.02 1.07 13.96
CA ILE A 403 -25.36 0.51 14.10
C ILE A 403 -25.41 -0.67 15.06
N LEU A 404 -24.26 -1.29 15.30
CA LEU A 404 -24.20 -2.43 16.21
C LEU A 404 -24.01 -2.03 17.67
N GLY A 405 -23.82 -0.73 17.92
CA GLY A 405 -23.70 -0.24 19.28
C GLY A 405 -22.37 0.38 19.70
N GLY A 406 -21.46 0.60 18.74
CA GLY A 406 -20.25 1.32 19.07
C GLY A 406 -19.04 0.42 19.25
N LYS A 407 -17.90 1.03 19.57
CA LYS A 407 -16.64 0.31 19.63
C LYS A 407 -16.70 -0.86 20.61
N ALA A 408 -17.34 -0.63 21.76
CA ALA A 408 -17.37 -1.63 22.81
C ALA A 408 -18.12 -2.88 22.36
N GLU A 409 -19.18 -2.68 21.60
CA GLU A 409 -20.00 -3.79 21.10
C GLU A 409 -19.35 -4.51 19.92
N PHE A 410 -18.52 -3.79 19.18
CA PHE A 410 -17.96 -4.30 17.94
C PHE A 410 -16.64 -5.02 18.17
N ASP A 411 -15.89 -4.54 19.16
CA ASP A 411 -14.56 -5.11 19.40
C ASP A 411 -14.56 -6.61 19.67
N PRO A 412 -15.60 -7.13 20.34
CA PRO A 412 -15.68 -8.59 20.52
C PRO A 412 -15.78 -9.31 19.19
N PHE A 413 -16.54 -8.76 18.25
CA PHE A 413 -16.60 -9.34 16.89
C PHE A 413 -15.22 -9.31 16.21
N ILE A 414 -14.55 -8.17 16.28
CA ILE A 414 -13.24 -8.00 15.67
C ILE A 414 -12.27 -9.10 16.14
N ARG A 415 -12.22 -9.33 17.44
CA ARG A 415 -11.39 -10.38 17.98
C ARG A 415 -11.82 -11.76 17.49
N HIS A 416 -13.13 -11.98 17.39
CA HIS A 416 -13.65 -13.28 16.99
C HIS A 416 -13.26 -13.55 15.56
N TYR A 417 -13.51 -12.55 14.71
CA TYR A 417 -13.17 -12.58 13.30
C TYR A 417 -11.70 -12.92 13.06
N PHE A 418 -10.78 -12.16 13.65
CA PHE A 418 -9.36 -12.39 13.37
C PHE A 418 -8.86 -13.72 13.97
N LYS A 419 -9.51 -14.18 15.04
CA LYS A 419 -9.16 -15.49 15.57
C LYS A 419 -9.68 -16.63 14.68
N LYS A 420 -10.91 -16.51 14.21
CA LYS A 420 -11.53 -17.55 13.39
C LYS A 420 -10.72 -17.82 12.12
N PHE A 421 -10.30 -16.74 11.46
CA PHE A 421 -9.62 -16.86 10.18
C PHE A 421 -8.12 -16.76 10.27
N ALA A 422 -7.58 -16.79 11.47
CA ALA A 422 -6.13 -16.67 11.61
C ALA A 422 -5.44 -17.73 10.75
N LYS A 423 -4.49 -17.28 9.93
CA LYS A 423 -3.69 -18.18 9.11
C LYS A 423 -4.43 -18.78 7.93
N LYS A 424 -5.58 -18.19 7.60
CA LYS A 424 -6.40 -18.69 6.51
C LYS A 424 -6.75 -17.55 5.57
N SER A 425 -7.45 -17.87 4.50
CA SER A 425 -7.89 -16.87 3.52
C SER A 425 -9.40 -16.94 3.41
N LEU A 426 -10.04 -15.86 2.97
CA LEU A 426 -11.50 -15.88 2.91
C LEU A 426 -12.09 -14.90 1.92
N ASP A 427 -13.38 -15.07 1.65
CA ASP A 427 -14.11 -14.15 0.78
C ASP A 427 -15.14 -13.34 1.59
N THR A 428 -15.76 -12.37 0.94
CA THR A 428 -16.71 -11.49 1.61
C THR A 428 -17.86 -12.29 2.21
N PHE A 429 -18.26 -13.35 1.53
CA PHE A 429 -19.42 -14.11 1.95
C PHE A 429 -19.15 -14.77 3.28
N GLN A 430 -17.92 -15.25 3.48
CA GLN A 430 -17.55 -15.85 4.75
C GLN A 430 -17.47 -14.78 5.84
N PHE A 431 -17.04 -13.59 5.47
CA PHE A 431 -17.05 -12.45 6.40
C PHE A 431 -18.49 -12.26 6.90
N LEU A 432 -19.44 -12.20 5.97
CA LEU A 432 -20.84 -11.95 6.32
C LEU A 432 -21.46 -13.05 7.19
N ASP A 433 -21.22 -14.32 6.84
CA ASP A 433 -21.65 -15.43 7.69
C ASP A 433 -21.16 -15.26 9.12
N THR A 434 -19.89 -14.89 9.28
CA THR A 434 -19.31 -14.76 10.59
C THR A 434 -19.98 -13.63 11.37
N LEU A 435 -20.24 -12.53 10.67
CA LEU A 435 -20.88 -11.39 11.30
C LEU A 435 -22.24 -11.86 11.80
N TYR A 436 -22.98 -12.57 10.96
CA TYR A 436 -24.32 -13.03 11.34
C TYR A 436 -24.31 -14.08 12.46
N GLU A 437 -23.37 -15.02 12.42
CA GLU A 437 -23.28 -16.01 13.48
C GLU A 437 -22.94 -15.34 14.83
N PHE A 438 -22.17 -14.26 14.79
CA PHE A 438 -21.70 -13.62 16.01
C PHE A 438 -22.78 -12.80 16.73
N TYR A 439 -23.68 -12.21 15.96
CA TYR A 439 -24.71 -11.32 16.52
C TYR A 439 -26.14 -11.86 16.33
N PRO A 440 -26.45 -13.01 16.96
CA PRO A 440 -27.81 -13.59 16.88
C PRO A 440 -28.87 -12.61 17.36
N GLU A 441 -28.58 -11.88 18.43
CA GLU A 441 -29.56 -10.98 19.01
C GLU A 441 -29.75 -9.74 18.16
N LYS A 442 -28.84 -9.50 17.22
CA LYS A 442 -28.89 -8.27 16.42
C LYS A 442 -29.22 -8.53 14.96
N LYS A 443 -29.92 -9.62 14.70
CA LYS A 443 -30.24 -10.02 13.34
C LYS A 443 -31.03 -8.96 12.56
N GLU A 444 -31.92 -8.26 13.25
CA GLU A 444 -32.75 -7.27 12.58
C GLU A 444 -31.94 -6.05 12.17
N ILE A 445 -31.01 -5.63 13.03
CA ILE A 445 -30.09 -4.55 12.69
C ILE A 445 -29.24 -4.87 11.47
N LEU A 446 -28.79 -6.11 11.36
CA LEU A 446 -27.93 -6.50 10.23
C LEU A 446 -28.72 -6.65 8.95
N ASP A 447 -29.97 -7.09 9.08
CA ASP A 447 -30.86 -7.22 7.94
C ASP A 447 -31.32 -5.86 7.39
N SER A 448 -31.17 -4.81 8.20
CA SER A 448 -31.49 -3.46 7.73
C SER A 448 -30.36 -2.84 6.90
N VAL A 449 -29.16 -3.41 7.00
CA VAL A 449 -28.04 -2.94 6.18
C VAL A 449 -28.32 -3.22 4.71
N ASP A 450 -28.26 -2.18 3.87
CA ASP A 450 -28.45 -2.39 2.44
C ASP A 450 -27.20 -3.04 1.84
N TRP A 451 -27.07 -4.35 2.03
CA TRP A 451 -25.86 -5.05 1.63
C TRP A 451 -25.62 -4.91 0.13
N GLU A 452 -26.70 -4.76 -0.62
CA GLU A 452 -26.62 -4.67 -2.07
C GLU A 452 -25.94 -3.38 -2.51
N THR A 453 -26.27 -2.29 -1.85
CA THR A 453 -25.68 -1.01 -2.21
C THR A 453 -24.23 -0.95 -1.78
N TRP A 454 -23.97 -1.36 -0.53
CA TRP A 454 -22.61 -1.33 0.00
C TRP A 454 -21.65 -2.22 -0.80
N LEU A 455 -22.04 -3.47 -1.03
CA LEU A 455 -21.13 -4.41 -1.65
C LEU A 455 -21.04 -4.35 -3.18
N TYR A 456 -22.16 -4.11 -3.87
CA TYR A 456 -22.19 -4.27 -5.32
C TYR A 456 -22.58 -3.04 -6.13
N LYS A 457 -22.88 -1.93 -5.47
CA LYS A 457 -23.34 -0.76 -6.22
C LYS A 457 -22.18 0.21 -6.35
N PRO A 458 -22.09 0.91 -7.49
CA PRO A 458 -21.07 1.93 -7.77
C PRO A 458 -21.30 3.28 -7.10
N GLY A 459 -20.26 4.11 -7.02
CA GLY A 459 -20.41 5.46 -6.50
C GLY A 459 -20.10 5.62 -5.01
N MET A 460 -20.29 6.82 -4.48
CA MET A 460 -20.06 7.10 -3.06
C MET A 460 -21.12 6.42 -2.21
N PRO A 461 -20.70 5.84 -1.09
CA PRO A 461 -21.75 5.32 -0.22
C PRO A 461 -22.43 6.46 0.53
N PRO A 462 -23.44 6.16 1.36
CA PRO A 462 -24.04 7.23 2.15
C PRO A 462 -22.99 7.89 3.05
N ARG A 463 -23.09 9.21 3.23
CA ARG A 463 -22.05 9.94 3.96
C ARG A 463 -22.26 9.95 5.46
N PRO A 464 -21.25 9.52 6.21
CA PRO A 464 -21.45 9.53 7.66
C PRO A 464 -21.30 10.93 8.25
N HIS A 465 -21.60 11.08 9.53
CA HIS A 465 -21.49 12.37 10.19
C HIS A 465 -20.22 12.44 11.03
N PHE A 466 -19.11 12.72 10.36
CA PHE A 466 -17.82 12.81 11.03
C PHE A 466 -17.70 14.05 11.90
N ILE A 467 -17.01 13.88 13.03
CA ILE A 467 -16.66 15.02 13.87
C ILE A 467 -15.71 15.91 13.06
N THR A 468 -16.09 17.15 12.82
CA THR A 468 -15.29 18.00 11.92
C THR A 468 -14.43 18.99 12.67
N ALA A 469 -14.37 18.85 14.00
CA ALA A 469 -13.62 19.78 14.85
C ALA A 469 -12.22 20.18 14.31
N LEU A 470 -11.39 19.21 13.98
CA LEU A 470 -10.00 19.52 13.61
C LEU A 470 -9.83 20.01 12.17
N ALA A 471 -10.93 20.11 11.44
CA ALA A 471 -10.92 20.62 10.06
C ALA A 471 -11.57 21.99 9.94
N ASP A 472 -12.36 22.36 10.94
CA ASP A 472 -13.14 23.59 10.89
C ASP A 472 -12.27 24.85 10.82
N ASN A 473 -11.28 24.91 11.69
CA ASN A 473 -10.26 25.97 11.64
C ASN A 473 -9.60 26.07 10.27
N VAL A 474 -9.30 24.91 9.68
CA VAL A 474 -8.66 24.84 8.37
C VAL A 474 -9.56 25.39 7.30
N TYR A 475 -10.79 24.89 7.28
CA TYR A 475 -11.78 25.37 6.32
C TYR A 475 -12.02 26.87 6.46
N GLN A 476 -12.16 27.36 7.69
CA GLN A 476 -12.34 28.80 7.89
C GLN A 476 -11.24 29.64 7.28
N LEU A 477 -9.97 29.25 7.50
CA LEU A 477 -8.86 30.02 6.98
C LEU A 477 -8.84 30.02 5.47
N ALA A 478 -8.97 28.84 4.85
CA ALA A 478 -8.96 28.77 3.40
C ALA A 478 -10.05 29.67 2.81
N ASP A 479 -11.24 29.60 3.39
CA ASP A 479 -12.31 30.52 3.00
C ASP A 479 -11.86 31.99 3.13
N LYS A 480 -11.29 32.32 4.27
CA LYS A 480 -10.82 33.69 4.54
C LYS A 480 -9.79 34.16 3.52
N TRP A 481 -8.83 33.28 3.19
CA TRP A 481 -7.85 33.58 2.15
C TRP A 481 -8.50 33.80 0.80
N VAL A 482 -9.46 32.94 0.45
CA VAL A 482 -10.12 33.10 -0.84
C VAL A 482 -10.82 34.45 -0.94
N GLU A 483 -11.41 34.87 0.18
CA GLU A 483 -12.16 36.12 0.21
C GLU A 483 -11.24 37.34 0.15
N MET A 484 -10.22 37.34 0.99
CA MET A 484 -9.31 38.47 1.11
C MET A 484 -8.46 38.71 -0.13
N ALA A 485 -8.27 37.64 -0.91
CA ALA A 485 -7.52 37.72 -2.17
C ALA A 485 -8.18 38.69 -3.13
N GLN A 486 -9.49 38.87 -2.99
CA GLN A 486 -10.27 39.72 -3.87
C GLN A 486 -10.47 41.11 -3.26
N HIS A 487 -9.99 41.29 -2.03
CA HIS A 487 -10.21 42.55 -1.34
C HIS A 487 -8.91 43.28 -1.04
N LEU A 488 -7.93 42.57 -0.47
CA LEU A 488 -6.65 43.19 -0.16
C LEU A 488 -5.83 43.33 -1.44
N LYS A 489 -5.02 44.37 -1.52
CA LYS A 489 -4.26 44.61 -2.74
C LYS A 489 -2.77 44.45 -2.52
N THR A 490 -2.22 45.25 -1.62
CA THR A 490 -0.79 45.24 -1.33
C THR A 490 -0.44 44.22 -0.26
N THR A 491 0.79 43.73 -0.32
CA THR A 491 1.31 42.76 0.65
C THR A 491 1.12 43.28 2.07
N GLU A 492 1.32 44.58 2.22
CA GLU A 492 1.10 45.26 3.48
C GLU A 492 -0.30 44.98 4.00
N ASP A 493 -1.29 45.06 3.11
CA ASP A 493 -2.69 44.80 3.48
C ASP A 493 -2.79 43.38 4.04
N PHE A 494 -2.18 42.45 3.33
CA PHE A 494 -2.26 41.05 3.72
C PHE A 494 -1.64 40.78 5.09
N ARG A 495 -0.51 41.41 5.38
CA ARG A 495 0.16 41.21 6.67
C ARG A 495 -0.68 41.74 7.82
N SER A 496 -1.54 42.72 7.53
CA SER A 496 -2.46 43.24 8.53
C SER A 496 -3.59 42.25 8.83
N GLU A 497 -4.01 41.49 7.82
CA GLU A 497 -5.06 40.48 8.02
C GLU A 497 -4.50 39.14 8.49
N PHE A 498 -3.34 38.77 7.97
CA PHE A 498 -2.82 37.43 8.19
C PHE A 498 -1.47 37.44 8.89
N ASN A 499 -1.20 36.45 9.71
CA ASN A 499 0.18 36.19 10.09
C ASN A 499 0.51 34.77 10.55
N ALA A 500 1.79 34.48 10.65
CA ALA A 500 2.28 33.15 10.96
C ALA A 500 1.47 32.52 12.08
N ILE A 501 0.91 33.39 12.93
CA ILE A 501 0.14 32.94 14.08
C ILE A 501 -1.03 32.02 13.70
N ASP A 502 -1.63 32.24 12.54
CA ASP A 502 -2.90 31.55 12.26
C ASP A 502 -2.72 30.08 11.90
N ILE A 503 -1.51 29.66 11.57
CA ILE A 503 -1.25 28.25 11.32
C ILE A 503 -0.32 27.64 12.35
N LYS A 504 0.08 28.43 13.34
CA LYS A 504 0.92 27.96 14.42
C LYS A 504 0.42 26.65 15.05
N ASP A 505 -0.89 26.46 15.07
CA ASP A 505 -1.48 25.25 15.65
C ASP A 505 -1.88 24.18 14.61
N PHE A 506 -1.55 24.40 13.35
CA PHE A 506 -1.86 23.43 12.30
C PHE A 506 -0.80 22.34 12.27
N ASN A 507 -1.18 21.09 12.52
CA ASN A 507 -0.28 19.96 12.27
C ASN A 507 -0.07 19.78 10.77
N SER A 508 0.75 18.82 10.36
CA SER A 508 1.07 18.67 8.94
C SER A 508 -0.17 18.25 8.13
N ASN A 509 -0.99 17.39 8.72
CA ASN A 509 -2.24 16.99 8.09
C ASN A 509 -3.15 18.18 7.86
N GLN A 510 -3.16 19.09 8.84
CA GLN A 510 -4.00 20.27 8.73
C GLN A 510 -3.43 21.21 7.67
N LEU A 511 -2.11 21.36 7.64
CA LEU A 511 -1.46 22.13 6.58
C LEU A 511 -1.77 21.55 5.20
N VAL A 512 -1.65 20.22 5.08
CA VAL A 512 -1.99 19.56 3.83
C VAL A 512 -3.44 19.83 3.42
N LEU A 513 -4.37 19.64 4.35
CA LEU A 513 -5.78 19.93 4.09
C LEU A 513 -5.99 21.42 3.74
N PHE A 514 -5.34 22.30 4.48
CA PHE A 514 -5.41 23.75 4.16
C PHE A 514 -4.99 24.06 2.73
N LEU A 515 -3.79 23.65 2.34
CA LEU A 515 -3.24 23.89 1.00
C LEU A 515 -4.11 23.22 -0.07
N GLU A 516 -4.64 22.04 0.27
CA GLU A 516 -5.60 21.38 -0.60
C GLU A 516 -6.83 22.26 -0.80
N THR A 517 -7.50 22.62 0.29
CA THR A 517 -8.71 23.46 0.25
C THR A 517 -8.51 24.75 -0.56
N LEU A 518 -7.33 25.36 -0.47
CA LEU A 518 -7.02 26.55 -1.24
C LEU A 518 -7.05 26.33 -2.75
N THR A 519 -6.51 25.20 -3.21
CA THR A 519 -6.55 24.89 -4.64
C THR A 519 -7.98 24.50 -5.06
N GLN A 520 -8.76 24.02 -4.10
CA GLN A 520 -10.20 23.86 -4.27
C GLN A 520 -10.87 25.24 -4.15
N ASN A 521 -10.04 26.27 -3.98
CA ASN A 521 -10.50 27.63 -3.78
C ASN A 521 -11.59 27.78 -2.72
N GLY A 522 -11.37 27.16 -1.55
CA GLY A 522 -12.28 27.30 -0.44
C GLY A 522 -13.25 26.14 -0.26
N HIS A 523 -13.83 26.03 0.92
CA HIS A 523 -14.76 24.96 1.26
C HIS A 523 -16.18 25.50 1.48
N SER A 524 -16.57 26.50 0.68
CA SER A 524 -17.92 27.04 0.72
C SER A 524 -18.16 27.85 -0.55
N ASN A 525 -19.33 27.70 -1.15
CA ASN A 525 -19.62 28.32 -2.43
C ASN A 525 -19.99 29.80 -2.35
N LYS A 526 -19.11 30.60 -1.77
CA LYS A 526 -19.29 32.05 -1.74
C LYS A 526 -18.95 32.63 -3.10
N LYS A 527 -17.82 32.19 -3.66
CA LYS A 527 -17.46 32.53 -5.03
C LYS A 527 -17.63 31.29 -5.91
N PRO A 528 -18.83 31.13 -6.48
CA PRO A 528 -19.21 29.98 -7.30
C PRO A 528 -18.15 29.59 -8.33
N LYS A 529 -17.65 30.56 -9.09
CA LYS A 529 -16.65 30.30 -10.12
C LYS A 529 -15.33 29.80 -9.52
N ASP A 530 -14.72 28.84 -10.20
CA ASP A 530 -13.41 28.34 -9.82
C ASP A 530 -12.36 29.32 -10.38
N PHE A 531 -12.44 30.58 -9.92
CA PHE A 531 -11.47 31.59 -10.32
C PHE A 531 -10.08 31.07 -10.01
N ASP A 532 -9.05 31.72 -10.51
CA ASP A 532 -7.70 31.22 -10.22
C ASP A 532 -6.85 32.17 -9.39
N TRP A 533 -6.00 31.55 -8.59
CA TRP A 533 -4.99 32.26 -7.81
C TRP A 533 -3.94 32.92 -8.70
N ALA A 534 -3.86 32.51 -9.97
CA ALA A 534 -2.88 33.10 -10.86
C ALA A 534 -3.05 34.61 -10.94
N LYS A 535 -4.27 35.09 -10.72
CA LYS A 535 -4.58 36.51 -10.93
C LYS A 535 -4.46 37.34 -9.65
N PHE A 536 -3.98 36.70 -8.59
CA PHE A 536 -3.75 37.42 -7.33
C PHE A 536 -2.36 37.16 -6.78
N PRO A 537 -1.32 37.31 -7.64
CA PRO A 537 0.08 37.04 -7.29
C PRO A 537 0.52 37.67 -5.95
N VAL A 538 0.03 38.85 -5.62
CA VAL A 538 0.38 39.50 -4.35
C VAL A 538 -0.13 38.67 -3.18
N ALA A 539 -1.34 38.13 -3.32
CA ALA A 539 -1.92 37.25 -2.30
C ALA A 539 -1.19 35.90 -2.21
N SER A 540 -0.92 35.30 -3.36
CA SER A 540 -0.32 33.98 -3.34
C SER A 540 1.13 34.08 -2.85
N ARG A 541 1.82 35.13 -3.27
CA ARG A 541 3.16 35.43 -2.77
C ARG A 541 3.17 35.80 -1.27
N ALA A 542 2.17 36.59 -0.84
CA ALA A 542 2.03 36.93 0.58
C ALA A 542 1.78 35.68 1.43
N LEU A 543 0.94 34.78 0.92
CA LEU A 543 0.66 33.49 1.56
C LEU A 543 1.98 32.82 1.93
N LEU A 544 2.78 32.56 0.90
CA LEU A 544 4.05 31.85 1.07
C LEU A 544 4.98 32.56 2.02
N ASP A 545 4.98 33.90 1.94
CA ASP A 545 5.82 34.72 2.82
C ASP A 545 5.41 34.61 4.29
N ILE A 546 4.16 34.97 4.58
CA ILE A 546 3.65 34.98 5.95
C ILE A 546 3.78 33.62 6.62
N TYR A 547 3.62 32.57 5.82
CA TYR A 547 3.61 31.20 6.34
C TYR A 547 4.91 30.47 6.03
N GLN A 548 5.98 31.20 5.77
CA GLN A 548 7.21 30.58 5.26
C GLN A 548 7.74 29.53 6.22
N ASP A 549 7.70 29.83 7.51
CA ASP A 549 8.29 28.95 8.52
C ASP A 549 7.70 27.55 8.41
N ASN A 550 6.39 27.47 8.55
CA ASN A 550 5.71 26.18 8.62
C ASN A 550 5.36 25.52 7.27
N ILE A 551 5.28 26.29 6.19
CA ILE A 551 4.95 25.72 4.89
C ILE A 551 6.14 25.64 3.96
N VAL A 552 6.73 26.80 3.68
CA VAL A 552 7.82 26.91 2.72
C VAL A 552 9.10 26.22 3.20
N LYS A 553 9.33 26.22 4.51
CA LYS A 553 10.56 25.68 5.08
C LYS A 553 10.36 24.26 5.64
N SER A 554 9.16 23.73 5.50
CA SER A 554 8.82 22.39 5.99
C SER A 554 9.68 21.29 5.40
N GLN A 555 10.12 20.34 6.24
CA GLN A 555 10.83 19.17 5.77
C GLN A 555 9.90 17.98 5.57
N ASN A 556 8.59 18.23 5.60
CA ASN A 556 7.57 17.20 5.38
C ASN A 556 7.20 17.15 3.91
N ALA A 557 7.55 16.05 3.23
CA ALA A 557 7.30 15.91 1.80
C ALA A 557 5.84 16.08 1.43
N GLU A 558 4.95 15.78 2.38
CA GLU A 558 3.52 15.90 2.14
C GLU A 558 3.11 17.37 2.03
N VAL A 559 3.64 18.19 2.93
CA VAL A 559 3.34 19.62 2.91
C VAL A 559 4.11 20.30 1.77
N VAL A 560 5.37 19.93 1.62
CA VAL A 560 6.19 20.47 0.54
C VAL A 560 5.50 20.24 -0.80
N PHE A 561 4.91 19.07 -0.99
CA PHE A 561 4.24 18.77 -2.26
C PHE A 561 3.07 19.70 -2.47
N LYS A 562 2.25 19.87 -1.44
CA LYS A 562 1.10 20.77 -1.50
C LYS A 562 1.55 22.20 -1.78
N MET A 563 2.61 22.63 -1.11
CA MET A 563 3.19 23.95 -1.36
C MET A 563 3.51 24.12 -2.83
N PHE A 564 4.17 23.12 -3.40
CA PHE A 564 4.46 23.17 -4.83
C PHE A 564 3.18 23.27 -5.66
N LYS A 565 2.18 22.46 -5.30
CA LYS A 565 0.93 22.44 -6.02
C LYS A 565 0.18 23.78 -5.91
N PHE A 566 0.14 24.36 -4.71
CA PHE A 566 -0.46 25.68 -4.59
C PHE A 566 0.29 26.67 -5.49
N GLN A 567 1.60 26.56 -5.50
CA GLN A 567 2.44 27.43 -6.32
C GLN A 567 2.08 27.30 -7.79
N ILE A 568 1.76 26.07 -8.21
CA ILE A 568 1.40 25.81 -9.60
C ILE A 568 0.00 26.34 -9.92
N PHE A 569 -0.95 26.04 -9.05
CA PHE A 569 -2.32 26.51 -9.18
C PHE A 569 -2.36 28.04 -9.24
N ALA A 570 -1.36 28.68 -8.62
CA ALA A 570 -1.19 30.12 -8.64
C ALA A 570 -0.25 30.57 -9.76
N LYS A 571 0.27 29.60 -10.50
CA LYS A 571 1.15 29.90 -11.62
C LYS A 571 2.23 30.93 -11.26
N LEU A 572 2.89 30.73 -10.12
CA LEU A 572 4.07 31.52 -9.76
C LEU A 572 5.23 30.93 -10.52
N GLN A 573 5.56 31.53 -11.67
CA GLN A 573 6.50 30.94 -12.61
C GLN A 573 7.91 30.77 -12.07
N GLU A 574 8.32 31.64 -11.15
CA GLU A 574 9.67 31.61 -10.61
C GLU A 574 9.93 30.38 -9.74
N GLU A 575 8.86 29.66 -9.39
CA GLU A 575 8.96 28.47 -8.55
C GLU A 575 8.97 27.15 -9.33
N TYR A 576 8.67 27.22 -10.63
CA TYR A 576 8.62 26.02 -11.46
C TYR A 576 9.92 25.21 -11.41
N LYS A 577 11.04 25.93 -11.21
CA LYS A 577 12.37 25.31 -11.21
C LYS A 577 12.57 24.40 -9.99
N HIS A 578 11.99 24.78 -8.88
CA HIS A 578 12.14 24.04 -7.64
C HIS A 578 11.30 22.77 -7.65
N LEU A 579 10.12 22.85 -8.26
CA LEU A 579 9.29 21.66 -8.47
C LEU A 579 10.02 20.65 -9.33
N ALA A 580 10.59 21.14 -10.43
CA ALA A 580 11.32 20.28 -11.36
C ALA A 580 12.42 19.51 -10.65
N ASP A 581 13.24 20.23 -9.88
CA ASP A 581 14.38 19.63 -9.19
C ASP A 581 13.98 18.75 -8.01
N TRP A 582 12.95 19.16 -7.28
CA TRP A 582 12.44 18.36 -6.17
C TRP A 582 11.95 16.99 -6.66
N LEU A 583 11.32 16.99 -7.83
CA LEU A 583 10.79 15.78 -8.42
C LEU A 583 11.92 14.81 -8.75
N GLY A 584 13.14 15.34 -8.82
CA GLY A 584 14.29 14.50 -9.06
C GLY A 584 14.85 13.94 -7.77
N THR A 585 14.19 14.28 -6.67
CA THR A 585 14.65 13.86 -5.35
C THR A 585 13.73 12.81 -4.70
N VAL A 586 12.50 12.69 -5.20
CA VAL A 586 11.54 11.71 -4.68
C VAL A 586 11.07 10.72 -5.75
N GLY A 587 10.65 9.54 -5.31
CA GLY A 587 10.17 8.49 -6.21
C GLY A 587 8.79 7.95 -5.85
N ARG A 588 8.28 8.35 -4.69
CA ARG A 588 6.96 7.91 -4.26
C ARG A 588 5.89 8.32 -5.26
N MET A 589 5.15 7.36 -5.81
CA MET A 589 4.20 7.65 -6.88
C MET A 589 3.24 8.77 -6.52
N LYS A 590 2.74 8.74 -5.29
CA LYS A 590 1.75 9.73 -4.86
C LYS A 590 2.21 11.18 -5.09
N PHE A 591 3.52 11.42 -5.10
CA PHE A 591 4.05 12.77 -5.35
C PHE A 591 4.51 12.94 -6.79
N VAL A 592 5.22 11.94 -7.29
CA VAL A 592 5.80 11.93 -8.63
C VAL A 592 4.77 12.07 -9.75
N ARG A 593 3.75 11.21 -9.76
CA ARG A 593 2.72 11.24 -10.80
C ARG A 593 2.00 12.58 -10.86
N PRO A 594 1.42 13.01 -9.73
CA PRO A 594 0.72 14.29 -9.72
C PRO A 594 1.70 15.44 -9.99
N GLY A 595 2.93 15.31 -9.51
CA GLY A 595 3.92 16.36 -9.68
C GLY A 595 4.20 16.65 -11.15
N TYR A 596 4.36 15.56 -11.90
CA TYR A 596 4.57 15.67 -13.33
C TYR A 596 3.33 16.19 -14.06
N ARG A 597 2.15 15.85 -13.56
CA ARG A 597 0.93 16.39 -14.15
C ARG A 597 0.85 17.88 -13.92
N LEU A 598 1.18 18.29 -12.70
CA LEU A 598 1.23 19.70 -12.34
C LEU A 598 2.24 20.49 -13.18
N LEU A 599 3.49 20.03 -13.22
CA LEU A 599 4.54 20.74 -13.95
C LEU A 599 4.25 20.80 -15.46
N ASN A 600 3.61 19.77 -16.00
CA ASN A 600 3.27 19.77 -17.42
C ASN A 600 2.17 20.78 -17.78
N SER A 601 1.32 21.11 -16.81
CA SER A 601 0.23 22.05 -17.06
C SER A 601 0.67 23.51 -16.98
N VAL A 602 1.93 23.76 -16.62
CA VAL A 602 2.46 25.12 -16.57
C VAL A 602 3.72 25.32 -17.41
N ASP A 603 4.46 24.24 -17.64
CA ASP A 603 5.66 24.27 -18.47
C ASP A 603 5.97 22.86 -18.97
N ARG A 604 5.43 22.52 -20.15
CA ARG A 604 5.66 21.19 -20.69
C ARG A 604 7.10 21.02 -21.15
N ARG A 605 7.65 22.06 -21.78
CA ARG A 605 9.05 22.08 -22.23
C ARG A 605 10.01 21.77 -21.07
N LEU A 606 9.51 21.99 -19.85
CA LEU A 606 10.28 21.75 -18.64
C LEU A 606 9.92 20.41 -18.02
N ALA A 607 8.66 19.99 -18.18
CA ALA A 607 8.19 18.74 -17.58
C ALA A 607 8.81 17.54 -18.28
N LEU A 608 8.83 17.59 -19.62
CA LEU A 608 9.44 16.52 -20.41
C LEU A 608 10.96 16.55 -20.34
N ALA A 609 11.50 17.75 -20.16
CA ALA A 609 12.94 17.92 -19.98
C ALA A 609 13.35 17.30 -18.65
N THR A 610 12.53 17.56 -17.63
CA THR A 610 12.81 17.03 -16.31
C THR A 610 12.71 15.50 -16.31
N PHE A 611 11.58 14.95 -16.77
CA PHE A 611 11.43 13.51 -16.88
C PHE A 611 12.61 12.82 -17.58
N ASP A 612 12.94 13.28 -18.78
CA ASP A 612 14.05 12.72 -19.54
C ASP A 612 15.31 12.68 -18.66
N LYS A 613 15.39 13.61 -17.72
CA LYS A 613 16.55 13.74 -16.84
C LYS A 613 16.54 12.66 -15.76
N PHE A 614 15.37 12.45 -15.17
CA PHE A 614 15.21 11.55 -14.01
C PHE A 614 14.47 10.22 -14.29
N LYS A 615 13.93 10.07 -15.49
CA LYS A 615 13.11 8.91 -15.82
C LYS A 615 13.68 7.58 -15.33
N ASP A 616 14.97 7.37 -15.55
CA ASP A 616 15.61 6.11 -15.23
C ASP A 616 15.97 5.95 -13.74
N THR A 617 15.69 6.97 -12.94
CA THR A 617 15.92 6.89 -11.50
C THR A 617 14.69 6.37 -10.75
N TYR A 618 13.55 6.41 -11.41
CA TYR A 618 12.29 6.00 -10.78
C TYR A 618 12.08 4.48 -10.86
N HIS A 619 11.24 3.94 -9.98
CA HIS A 619 10.88 2.51 -10.04
C HIS A 619 10.23 2.25 -11.38
N PRO A 620 10.41 1.04 -11.93
CA PRO A 620 9.78 0.68 -13.20
C PRO A 620 8.29 1.07 -13.30
N ILE A 621 7.54 0.83 -12.23
CA ILE A 621 6.12 1.13 -12.21
C ILE A 621 5.87 2.62 -12.34
N CYS A 622 6.50 3.39 -11.47
CA CYS A 622 6.40 4.84 -11.52
C CYS A 622 6.88 5.42 -12.85
N LYS A 623 7.93 4.85 -13.45
CA LYS A 623 8.38 5.32 -14.76
C LYS A 623 7.30 5.04 -15.82
N ALA A 624 6.68 3.86 -15.74
CA ALA A 624 5.66 3.45 -16.68
C ALA A 624 4.49 4.43 -16.68
N LEU A 625 3.99 4.72 -15.49
CA LEU A 625 2.80 5.53 -15.39
C LEU A 625 3.06 7.00 -15.69
N VAL A 626 4.26 7.49 -15.35
CA VAL A 626 4.60 8.87 -15.64
C VAL A 626 4.83 9.07 -17.13
N LYS A 627 5.41 8.04 -17.76
CA LYS A 627 5.61 8.02 -19.20
C LYS A 627 4.31 8.36 -19.94
N GLN A 628 3.22 7.68 -19.58
CA GLN A 628 1.95 7.86 -20.29
C GLN A 628 1.17 9.07 -19.79
N ASP A 629 1.41 9.46 -18.54
CA ASP A 629 0.85 10.71 -18.04
C ASP A 629 1.34 11.85 -18.91
N LEU A 630 2.60 11.79 -19.31
CA LEU A 630 3.20 12.82 -20.15
C LEU A 630 3.02 12.53 -21.64
N LYS A 631 1.93 11.85 -21.98
CA LYS A 631 1.63 11.48 -23.37
C LYS A 631 2.79 10.78 -24.07
N LEU A 632 3.05 9.53 -23.69
CA LEU A 632 4.11 8.74 -24.32
C LEU A 632 3.69 7.28 -24.41
N2 BES B . 0.65 -2.96 0.25
C1 BES B . -0.11 -1.72 0.19
C6 BES B . 0.25 -0.93 -1.07
C7 BES B . -0.14 -1.72 -2.30
C8 BES B . -1.39 -2.31 -2.38
C12 BES B . 0.77 -1.86 -3.35
C9 BES B . -1.76 -3.03 -3.51
C11 BES B . 0.41 -2.59 -4.48
C10 BES B . -0.85 -3.17 -4.57
C2 BES B . 0.13 -0.87 1.44
O2 BES B . -0.16 -1.52 2.69
C3 BES B . -0.73 0.34 1.31
O3 BES B . -1.95 0.29 1.44
N1 BES B . 0.02 1.41 1.02
C4 BES B . -0.42 2.78 0.81
C13 BES B . -0.18 3.43 2.15
C14 BES B . -1.42 4.15 2.69
C15 BES B . -1.31 4.31 4.20
C16 BES B . -2.71 3.43 2.31
C5 BES B . 0.52 3.36 -0.20
O1 BES B . 0.13 4.31 -0.92
O4 BES B . 1.68 2.88 -0.29
ZN ZN C . -2.48 -1.36 3.10
CL CL D . -29.15 -9.36 -0.29
CL CL E . 15.62 -28.64 -10.15
CL CL F . -27.89 -20.13 7.33
CL CL G . -26.00 -10.79 19.85
#